data_6CQZ
#
_entry.id   6CQZ
#
_cell.length_a   104.601
_cell.length_b   104.601
_cell.length_c   323.752
_cell.angle_alpha   90.00
_cell.angle_beta   90.00
_cell.angle_gamma   120.00
#
_symmetry.space_group_name_H-M   'P 31 2 1'
#
loop_
_entity.id
_entity.type
_entity.pdbx_description
1 polymer Acetylcholinesterase
2 branched 2-acetamido-2-deoxy-beta-D-glucopyranose-(1-4)-[alpha-L-fucopyranose-(1-6)]2-acetamido-2-deoxy-beta-D-glucopyranose
3 non-polymer 2-acetamido-2-deoxy-beta-D-glucopyranose
4 non-polymer 'O-ETHYLMETHYLPHOSPHONIC ACID ESTER GROUP'
5 water water
#
_entity_poly.entity_id   1
_entity_poly.type   'polypeptide(L)'
_entity_poly.pdbx_seq_one_letter_code
;GREDAELLVTVRGGRLRGIRLKTPGGPVSAFLGIPFAEPPMGPRRFLPPEPKQPWSGVVDATTFQSVCYQYVDTLYPGFE
GTEMWNPNRELSEDCLYLNVWTPYPRPTSPTPVLVWIYGGGFYSGASSLDVYDGRFLVQAERTVLVSMNYRVGAFGFLAL
PGSREAPGNVGLLDQRLALQWVQENVAAFGGDPTSVTLFGESAGAASVGMHLLSPPSRGLFHRAVLQSGAPNGPWATVGM
GEARRRATQLAHLVGCPPGGTGGNDTELVACLRTRPAQVLVNHEWHVLPQESVFRFSFVPVVDGDFLSDTPEALINAGDF
HGLQVLVGVVKDEGSYFLVYGAPGFSKDNESLISRAEFLAGVRVGVPQVSDLAAEAVVLHYTDWLHPEDPARLREALSDV
VGDHNVVCPVAQLAGRLAAQGARVYAYVFEHRASTLSWPLWMGVPHGYEIEFIFGIPLDPSRNYTAEEKIFAQRLMRYWA
NFARTGDPNEPRDPKAPQWPPYTAGAQQYVSLDLRPLEVRRGLRAQACAFWNRFLPKLLSAT
;
_entity_poly.pdbx_strand_id   A,B
#
loop_
_chem_comp.id
_chem_comp.type
_chem_comp.name
_chem_comp.formula
FUC L-saccharide, alpha linking alpha-L-fucopyranose 'C6 H12 O5'
NAG D-saccharide, beta linking 2-acetamido-2-deoxy-beta-D-glucopyranose 'C8 H15 N O6'
VX non-polymer 'O-ETHYLMETHYLPHOSPHONIC ACID ESTER GROUP' 'C3 H9 O3 P'
#
# COMPACT_ATOMS: atom_id res chain seq x y z
N ARG A 2 -35.28 -33.94 33.06
CA ARG A 2 -33.84 -33.79 33.20
C ARG A 2 -33.31 -32.75 32.20
N GLU A 3 -33.60 -32.93 30.91
CA GLU A 3 -33.03 -32.12 29.84
C GLU A 3 -34.02 -32.08 28.69
N ASP A 4 -34.07 -30.93 28.01
CA ASP A 4 -34.89 -30.75 26.83
C ASP A 4 -33.98 -30.88 25.61
N ALA A 5 -34.23 -31.89 24.77
CA ALA A 5 -33.34 -32.15 23.65
C ALA A 5 -33.31 -31.00 22.65
N GLU A 6 -34.39 -30.22 22.57
CA GLU A 6 -34.41 -29.11 21.63
C GLU A 6 -33.42 -28.02 22.02
N LEU A 7 -33.09 -27.93 23.31
CA LEU A 7 -32.19 -26.91 23.81
C LEU A 7 -30.76 -27.41 23.94
N LEU A 8 -30.44 -28.57 23.38
CA LEU A 8 -29.10 -29.14 23.41
C LEU A 8 -28.60 -29.28 21.98
N VAL A 9 -27.45 -28.69 21.70
CA VAL A 9 -26.86 -28.70 20.36
C VAL A 9 -25.37 -28.98 20.49
N THR A 10 -24.83 -29.75 19.56
CA THR A 10 -23.39 -29.99 19.47
C THR A 10 -22.85 -29.27 18.24
N VAL A 11 -21.87 -28.40 18.46
CA VAL A 11 -21.12 -27.76 17.38
C VAL A 11 -19.69 -28.29 17.44
N ARG A 12 -18.82 -27.74 16.60
CA ARG A 12 -17.44 -28.21 16.53
C ARG A 12 -16.64 -28.11 17.83
N GLY A 13 -16.85 -27.03 18.57
CA GLY A 13 -16.11 -26.83 19.80
C GLY A 13 -16.58 -27.70 20.94
N GLY A 14 -17.84 -28.09 20.92
CA GLY A 14 -18.39 -28.90 21.97
C GLY A 14 -19.89 -28.72 22.06
N ARG A 15 -20.42 -29.03 23.24
CA ARG A 15 -21.86 -29.06 23.46
C ARG A 15 -22.35 -27.74 24.04
N LEU A 16 -23.58 -27.37 23.67
CA LEU A 16 -24.21 -26.14 24.11
C LEU A 16 -25.58 -26.45 24.71
N ARG A 17 -26.02 -25.57 25.60
CA ARG A 17 -27.36 -25.62 26.18
C ARG A 17 -28.00 -24.26 26.04
N GLY A 18 -29.19 -24.22 25.44
CA GLY A 18 -29.91 -22.99 25.21
C GLY A 18 -31.11 -22.83 26.11
N ILE A 19 -31.97 -21.87 25.75
CA ILE A 19 -33.20 -21.60 26.48
C ILE A 19 -34.38 -21.60 25.51
N ARG A 20 -35.56 -21.81 26.07
CA ARG A 20 -36.81 -21.69 25.35
C ARG A 20 -37.40 -20.31 25.63
N LEU A 21 -37.58 -19.53 24.57
CA LEU A 21 -38.07 -18.16 24.69
C LEU A 21 -39.56 -18.12 24.39
N LYS A 22 -40.30 -17.39 25.21
CA LYS A 22 -41.70 -17.09 24.91
C LYS A 22 -41.76 -15.90 23.96
N THR A 23 -42.55 -16.04 22.91
CA THR A 23 -42.91 -14.95 22.02
C THR A 23 -44.43 -14.89 21.94
N PRO A 24 -44.98 -13.74 21.55
CA PRO A 24 -46.44 -13.67 21.35
C PRO A 24 -46.99 -14.78 20.48
N GLY A 25 -46.25 -15.24 19.49
CA GLY A 25 -46.72 -16.22 18.54
C GLY A 25 -46.31 -17.65 18.80
N GLY A 26 -45.47 -17.91 19.79
CA GLY A 26 -45.04 -19.26 20.08
C GLY A 26 -43.62 -19.34 20.60
N PRO A 27 -43.19 -20.54 20.98
CA PRO A 27 -41.85 -20.68 21.54
C PRO A 27 -40.77 -20.59 20.47
N VAL A 28 -39.60 -20.13 20.90
CA VAL A 28 -38.41 -20.02 20.06
C VAL A 28 -37.24 -20.54 20.87
N SER A 29 -36.32 -21.24 20.21
CA SER A 29 -35.09 -21.68 20.86
C SER A 29 -34.01 -20.63 20.65
N ALA A 30 -33.33 -20.27 21.73
CA ALA A 30 -32.29 -19.25 21.70
C ALA A 30 -31.01 -19.80 22.32
N PHE A 31 -29.89 -19.55 21.66
CA PHE A 31 -28.56 -19.92 22.14
C PHE A 31 -27.75 -18.63 22.18
N LEU A 32 -27.74 -17.98 23.34
CA LEU A 32 -27.17 -16.66 23.50
C LEU A 32 -25.81 -16.73 24.18
N GLY A 33 -24.85 -15.99 23.64
CA GLY A 33 -23.52 -15.96 24.22
C GLY A 33 -22.70 -17.20 23.93
N ILE A 34 -22.67 -17.62 22.67
CA ILE A 34 -21.81 -18.71 22.24
C ILE A 34 -20.43 -18.16 21.95
N PRO A 35 -19.37 -18.68 22.57
CA PRO A 35 -18.02 -18.20 22.25
C PRO A 35 -17.59 -18.68 20.87
N PHE A 36 -17.16 -17.75 20.03
CA PHE A 36 -16.60 -18.11 18.73
C PHE A 36 -15.13 -17.74 18.56
N ALA A 37 -14.55 -17.01 19.50
CA ALA A 37 -13.13 -16.71 19.47
C ALA A 37 -12.55 -16.83 20.87
N GLU A 38 -11.24 -17.01 20.93
CA GLU A 38 -10.55 -16.89 22.20
C GLU A 38 -10.65 -15.43 22.68
N PRO A 39 -10.82 -15.21 23.98
CA PRO A 39 -10.95 -13.84 24.48
C PRO A 39 -9.74 -12.99 24.11
N PRO A 40 -9.94 -11.87 23.42
CA PRO A 40 -8.82 -11.02 22.98
C PRO A 40 -8.30 -10.13 24.10
N MET A 41 -7.83 -10.76 25.18
CA MET A 41 -7.33 -10.08 26.36
C MET A 41 -5.81 -10.01 26.35
N GLY A 42 -5.29 -9.07 27.15
CA GLY A 42 -3.88 -8.99 27.44
C GLY A 42 -3.02 -8.93 26.19
N PRO A 43 -2.24 -9.99 25.96
CA PRO A 43 -1.37 -10.03 24.78
C PRO A 43 -2.14 -10.10 23.45
N ARG A 44 -3.42 -10.42 23.46
CA ARG A 44 -4.18 -10.52 22.22
C ARG A 44 -5.03 -9.30 21.92
N ARG A 45 -4.95 -8.26 22.74
CA ARG A 45 -5.54 -6.98 22.37
C ARG A 45 -4.90 -6.47 21.08
N PHE A 46 -5.73 -5.99 20.16
CA PHE A 46 -5.39 -5.49 18.83
C PHE A 46 -5.04 -6.59 17.83
N LEU A 47 -5.02 -7.86 18.25
CA LEU A 47 -4.65 -8.92 17.34
C LEU A 47 -5.87 -9.54 16.68
N PRO A 48 -5.71 -10.16 15.51
CA PRO A 48 -6.84 -10.82 14.87
C PRO A 48 -7.40 -11.91 15.77
N PRO A 49 -8.68 -12.21 15.63
CA PRO A 49 -9.30 -13.21 16.51
C PRO A 49 -8.73 -14.60 16.27
N GLU A 50 -8.48 -15.31 17.36
CA GLU A 50 -8.13 -16.73 17.32
C GLU A 50 -9.40 -17.56 17.48
N PRO A 51 -9.59 -18.62 16.68
CA PRO A 51 -10.80 -19.42 16.84
C PRO A 51 -10.90 -20.04 18.23
N LYS A 52 -12.13 -20.19 18.71
CA LYS A 52 -12.37 -20.73 20.03
C LYS A 52 -11.94 -22.19 20.09
N GLN A 53 -11.16 -22.53 21.12
CA GLN A 53 -10.70 -23.90 21.22
C GLN A 53 -11.80 -24.81 21.79
N PRO A 54 -11.81 -26.07 21.39
CA PRO A 54 -12.86 -26.98 21.86
C PRO A 54 -12.87 -27.11 23.37
N TRP A 55 -14.05 -27.42 23.90
CA TRP A 55 -14.26 -27.54 25.33
C TRP A 55 -14.94 -28.86 25.64
N SER A 56 -14.67 -29.40 26.83
CA SER A 56 -15.41 -30.52 27.34
C SER A 56 -16.59 -30.03 28.19
N GLY A 57 -17.60 -30.87 28.32
CA GLY A 57 -18.80 -30.49 29.02
C GLY A 57 -19.74 -29.68 28.16
N VAL A 58 -20.70 -29.05 28.82
CA VAL A 58 -21.77 -28.30 28.16
C VAL A 58 -21.64 -26.84 28.52
N VAL A 59 -21.58 -25.98 27.50
CA VAL A 59 -21.54 -24.54 27.68
C VAL A 59 -22.97 -24.01 27.72
N ASP A 60 -23.29 -23.28 28.79
CA ASP A 60 -24.61 -22.66 28.94
C ASP A 60 -24.65 -21.42 28.05
N ALA A 61 -25.30 -21.54 26.90
CA ALA A 61 -25.55 -20.39 26.03
C ALA A 61 -26.95 -19.86 26.30
N THR A 62 -27.11 -19.24 27.48
CA THR A 62 -28.42 -18.93 28.02
C THR A 62 -28.66 -17.46 28.31
N THR A 63 -27.69 -16.58 28.03
CA THR A 63 -27.90 -15.15 28.19
C THR A 63 -26.86 -14.41 27.37
N PHE A 64 -27.18 -13.16 27.04
CA PHE A 64 -26.24 -12.33 26.29
C PHE A 64 -24.96 -12.11 27.08
N GLN A 65 -23.82 -12.17 26.37
CA GLN A 65 -22.54 -11.93 27.01
C GLN A 65 -22.21 -10.45 27.06
N SER A 66 -21.00 -10.15 27.51
CA SER A 66 -20.58 -8.78 27.75
C SER A 66 -20.55 -7.96 26.46
N VAL A 67 -20.70 -6.66 26.61
CA VAL A 67 -20.56 -5.72 25.52
C VAL A 67 -19.09 -5.37 25.34
N CYS A 68 -18.62 -5.36 24.10
CA CYS A 68 -17.24 -4.95 23.83
C CYS A 68 -17.02 -3.52 24.33
N TYR A 69 -15.86 -3.28 24.93
CA TYR A 69 -15.57 -1.99 25.54
C TYR A 69 -15.79 -0.86 24.55
N GLN A 70 -16.50 0.18 25.00
CA GLN A 70 -16.89 1.25 24.11
C GLN A 70 -17.24 2.49 24.92
N TYR A 71 -17.17 3.63 24.25
CA TYR A 71 -17.67 4.88 24.82
C TYR A 71 -19.18 4.77 25.04
N VAL A 72 -19.64 5.33 26.16
CA VAL A 72 -21.05 5.30 26.53
C VAL A 72 -21.61 6.71 26.38
N ASP A 73 -22.66 6.85 25.58
CA ASP A 73 -23.24 8.15 25.29
C ASP A 73 -23.89 8.75 26.53
N THR A 74 -23.59 10.03 26.80
CA THR A 74 -24.13 10.73 27.96
C THR A 74 -24.71 12.09 27.59
N LEU A 75 -25.05 12.30 26.32
CA LEU A 75 -25.52 13.62 25.89
C LEU A 75 -26.86 13.97 26.51
N TYR A 76 -27.80 13.02 26.52
CA TYR A 76 -29.12 13.21 27.12
C TYR A 76 -29.34 12.09 28.11
N PRO A 77 -28.89 12.25 29.36
CA PRO A 77 -28.98 11.15 30.32
C PRO A 77 -30.42 10.82 30.67
N GLY A 78 -30.70 9.51 30.74
CA GLY A 78 -32.04 9.02 31.00
C GLY A 78 -32.99 9.14 29.84
N PHE A 79 -32.60 9.77 28.75
CA PHE A 79 -33.46 9.93 27.59
C PHE A 79 -33.52 8.63 26.79
N GLU A 80 -34.73 8.18 26.51
CA GLU A 80 -34.90 6.89 25.86
C GLU A 80 -34.27 6.86 24.47
N GLY A 81 -34.30 7.99 23.76
CA GLY A 81 -33.80 8.01 22.40
C GLY A 81 -32.32 7.70 22.28
N THR A 82 -31.56 7.96 23.35
CA THR A 82 -30.14 7.64 23.37
C THR A 82 -29.79 6.42 24.21
N GLU A 83 -30.55 6.14 25.27
CA GLU A 83 -30.22 5.01 26.14
C GLU A 83 -30.45 3.67 25.44
N MET A 84 -31.37 3.62 24.47
CA MET A 84 -31.65 2.36 23.79
C MET A 84 -30.45 1.86 22.99
N TRP A 85 -29.50 2.73 22.66
CA TRP A 85 -28.29 2.33 21.95
C TRP A 85 -27.11 2.07 22.87
N ASN A 86 -27.25 2.32 24.17
CA ASN A 86 -26.18 2.17 25.12
C ASN A 86 -26.07 0.72 25.60
N PRO A 87 -24.90 0.31 26.08
CA PRO A 87 -24.72 -1.08 26.51
C PRO A 87 -25.74 -1.48 27.58
N ASN A 88 -26.36 -2.64 27.38
CA ASN A 88 -27.24 -3.24 28.37
C ASN A 88 -26.59 -4.44 29.05
N ARG A 89 -25.29 -4.62 28.84
CA ARG A 89 -24.48 -5.57 29.59
C ARG A 89 -23.20 -4.86 30.00
N GLU A 90 -22.49 -5.47 30.94
CA GLU A 90 -21.20 -4.94 31.37
C GLU A 90 -20.24 -4.81 30.17
N LEU A 91 -19.29 -3.90 30.31
CA LEU A 91 -18.23 -3.77 29.33
C LEU A 91 -17.10 -4.74 29.64
N SER A 92 -16.53 -5.34 28.60
CA SER A 92 -15.42 -6.26 28.77
C SER A 92 -14.71 -6.41 27.43
N GLU A 93 -13.40 -6.65 27.49
CA GLU A 93 -12.68 -7.07 26.29
C GLU A 93 -12.97 -8.53 25.95
N ASP A 94 -13.45 -9.30 26.92
CA ASP A 94 -13.95 -10.65 26.71
C ASP A 94 -15.37 -10.53 26.19
N CYS A 95 -15.52 -10.36 24.87
CA CYS A 95 -16.81 -10.00 24.32
C CYS A 95 -17.13 -10.67 23.00
N LEU A 96 -16.31 -11.60 22.51
CA LEU A 96 -16.51 -12.17 21.19
C LEU A 96 -17.38 -13.42 21.31
N TYR A 97 -18.69 -13.17 21.39
CA TYR A 97 -19.72 -14.20 21.46
C TYR A 97 -20.80 -13.88 20.45
N LEU A 98 -21.50 -14.93 20.00
CA LEU A 98 -22.59 -14.76 19.04
C LEU A 98 -23.84 -15.45 19.57
N ASN A 99 -24.96 -15.16 18.92
CA ASN A 99 -26.28 -15.63 19.34
C ASN A 99 -26.99 -16.28 18.17
N VAL A 100 -27.74 -17.35 18.46
CA VAL A 100 -28.51 -18.06 17.44
C VAL A 100 -29.93 -18.22 17.95
N TRP A 101 -30.90 -17.73 17.17
CA TRP A 101 -32.31 -17.98 17.39
C TRP A 101 -32.81 -18.95 16.32
N THR A 102 -33.58 -19.94 16.74
CA THR A 102 -34.10 -20.94 15.81
C THR A 102 -35.51 -21.33 16.23
N PRO A 103 -36.35 -21.77 15.30
CA PRO A 103 -37.71 -22.16 15.66
C PRO A 103 -37.73 -23.33 16.65
N TYR A 104 -38.80 -23.39 17.44
CA TYR A 104 -39.04 -24.46 18.39
C TYR A 104 -40.27 -25.22 17.95
N PRO A 105 -40.18 -26.52 17.59
CA PRO A 105 -38.96 -27.32 17.62
C PRO A 105 -38.00 -27.02 16.46
N ARG A 106 -36.79 -27.55 16.55
CA ARG A 106 -35.77 -27.30 15.55
C ARG A 106 -36.28 -27.69 14.16
N PRO A 107 -35.97 -26.90 13.13
CA PRO A 107 -36.45 -27.24 11.78
C PRO A 107 -35.92 -28.59 11.32
N THR A 108 -36.75 -29.32 10.59
CA THR A 108 -36.38 -30.63 10.08
C THR A 108 -35.64 -30.57 8.76
N SER A 109 -35.89 -29.54 7.96
CA SER A 109 -35.21 -29.30 6.70
C SER A 109 -34.40 -28.00 6.80
N PRO A 110 -33.31 -27.88 6.03
CA PRO A 110 -32.48 -26.67 6.11
C PRO A 110 -33.28 -25.40 5.86
N THR A 111 -33.00 -24.39 6.68
CA THR A 111 -33.74 -23.14 6.80
C THR A 111 -32.85 -21.94 6.49
N PRO A 112 -33.34 -20.96 5.74
CA PRO A 112 -32.52 -19.78 5.44
C PRO A 112 -32.09 -19.05 6.71
N VAL A 113 -30.90 -18.45 6.64
CA VAL A 113 -30.25 -17.85 7.80
C VAL A 113 -30.10 -16.35 7.56
N LEU A 114 -30.53 -15.55 8.53
CA LEU A 114 -30.25 -14.12 8.56
C LEU A 114 -29.16 -13.86 9.61
N VAL A 115 -28.15 -13.09 9.22
CA VAL A 115 -27.03 -12.76 10.11
C VAL A 115 -26.98 -11.24 10.26
N TRP A 116 -27.13 -10.78 11.49
CA TRP A 116 -27.20 -9.35 11.79
C TRP A 116 -25.85 -8.81 12.23
N ILE A 117 -25.50 -7.64 11.72
CA ILE A 117 -24.30 -6.91 12.12
C ILE A 117 -24.74 -5.53 12.59
N TYR A 118 -24.58 -5.25 13.88
CA TYR A 118 -25.04 -3.99 14.40
C TYR A 118 -24.17 -2.84 13.91
N GLY A 119 -24.74 -1.63 13.94
CA GLY A 119 -24.02 -0.42 13.67
C GLY A 119 -23.60 0.29 14.95
N GLY A 120 -23.19 1.54 14.78
CA GLY A 120 -22.70 2.32 15.90
C GLY A 120 -21.37 2.97 15.60
N GLY A 121 -21.18 3.37 14.35
CA GLY A 121 -20.01 4.13 13.94
C GLY A 121 -18.68 3.43 14.13
N PHE A 122 -18.68 2.11 14.23
CA PHE A 122 -17.49 1.30 14.54
C PHE A 122 -16.88 1.63 15.89
N TYR A 123 -17.55 2.42 16.72
CA TYR A 123 -17.06 2.73 18.06
C TYR A 123 -17.99 2.24 19.17
N SER A 124 -19.14 1.68 18.82
CA SER A 124 -20.11 1.26 19.83
C SER A 124 -21.04 0.23 19.20
N GLY A 125 -21.99 -0.24 20.01
CA GLY A 125 -22.94 -1.25 19.55
C GLY A 125 -22.80 -2.55 20.30
N ALA A 126 -23.83 -3.38 20.23
CA ALA A 126 -23.85 -4.69 20.86
C ALA A 126 -25.00 -5.50 20.28
N SER A 127 -24.79 -6.80 20.13
CA SER A 127 -25.86 -7.68 19.66
C SER A 127 -26.94 -7.91 20.71
N SER A 128 -26.73 -7.43 21.93
CA SER A 128 -27.63 -7.69 23.04
C SER A 128 -28.70 -6.63 23.23
N LEU A 129 -28.64 -5.52 22.49
CA LEU A 129 -29.63 -4.47 22.67
C LEU A 129 -31.03 -4.99 22.36
N ASP A 130 -32.02 -4.46 23.09
CA ASP A 130 -33.38 -4.96 23.00
C ASP A 130 -33.93 -4.84 21.58
N VAL A 131 -33.52 -3.82 20.83
CA VAL A 131 -34.07 -3.61 19.50
C VAL A 131 -33.50 -4.59 18.47
N TYR A 132 -32.47 -5.36 18.84
CA TYR A 132 -31.94 -6.42 17.99
C TYR A 132 -32.42 -7.81 18.42
N ASP A 133 -33.46 -7.88 19.25
CA ASP A 133 -34.02 -9.14 19.72
C ASP A 133 -34.55 -9.95 18.54
N GLY A 134 -33.91 -11.08 18.25
CA GLY A 134 -34.26 -11.85 17.08
C GLY A 134 -35.43 -12.80 17.23
N ARG A 135 -36.11 -12.82 18.38
CA ARG A 135 -37.13 -13.84 18.62
C ARG A 135 -38.37 -13.62 17.76
N PHE A 136 -38.70 -12.36 17.45
CA PHE A 136 -39.93 -12.11 16.70
C PHE A 136 -39.77 -12.46 15.23
N LEU A 137 -38.61 -12.15 14.65
CA LEU A 137 -38.35 -12.54 13.26
C LEU A 137 -38.39 -14.05 13.08
N VAL A 138 -37.79 -14.78 14.03
CA VAL A 138 -37.72 -16.23 13.90
C VAL A 138 -39.10 -16.86 14.02
N GLN A 139 -39.91 -16.38 14.97
CA GLN A 139 -41.25 -16.93 15.13
C GLN A 139 -42.14 -16.58 13.95
N ALA A 140 -42.07 -15.34 13.47
CA ALA A 140 -42.98 -14.89 12.42
C ALA A 140 -42.64 -15.52 11.07
N GLU A 141 -41.35 -15.66 10.75
CA GLU A 141 -40.93 -16.01 9.41
C GLU A 141 -40.15 -17.31 9.32
N ARG A 142 -39.96 -18.03 10.43
CA ARG A 142 -39.36 -19.37 10.43
C ARG A 142 -38.00 -19.37 9.75
N THR A 143 -37.17 -18.40 10.08
CA THR A 143 -35.76 -18.40 9.70
C THR A 143 -34.92 -18.64 10.94
N VAL A 144 -33.64 -18.90 10.72
CA VAL A 144 -32.65 -18.90 11.79
C VAL A 144 -31.96 -17.54 11.76
N LEU A 145 -31.82 -16.91 12.91
CA LEU A 145 -31.18 -15.60 13.01
C LEU A 145 -29.92 -15.72 13.85
N VAL A 146 -28.84 -15.12 13.36
CA VAL A 146 -27.57 -15.10 14.06
C VAL A 146 -27.13 -13.64 14.18
N SER A 147 -26.59 -13.28 15.35
CA SER A 147 -25.95 -12.00 15.54
C SER A 147 -24.68 -12.22 16.33
N MET A 148 -23.68 -11.38 16.11
CA MET A 148 -22.40 -11.52 16.77
C MET A 148 -21.95 -10.18 17.32
N ASN A 149 -21.16 -10.16 18.31
CA ASN A 149 -20.37 -9.04 18.67
C ASN A 149 -19.03 -9.15 17.93
N TYR A 150 -18.61 -7.80 17.79
CA TYR A 150 -17.29 -7.57 17.22
C TYR A 150 -16.68 -6.38 17.94
N ARG A 151 -15.35 -6.40 18.02
CA ARG A 151 -14.63 -5.34 18.71
C ARG A 151 -14.81 -4.00 17.99
N VAL A 152 -14.96 -2.94 18.77
CA VAL A 152 -15.18 -1.60 18.24
C VAL A 152 -14.15 -0.66 18.84
N GLY A 153 -14.14 0.57 18.35
CA GLY A 153 -13.19 1.56 18.83
C GLY A 153 -11.76 1.14 18.55
N ALA A 154 -10.86 1.57 19.42
CA ALA A 154 -9.45 1.22 19.26
C ALA A 154 -9.24 -0.28 19.30
N PHE A 155 -10.03 -0.98 20.14
CA PHE A 155 -9.85 -2.42 20.29
C PHE A 155 -10.12 -3.17 19.00
N GLY A 156 -10.96 -2.63 18.13
CA GLY A 156 -11.30 -3.31 16.90
C GLY A 156 -10.66 -2.72 15.66
N PHE A 157 -10.25 -1.46 15.71
CA PHE A 157 -9.86 -0.77 14.48
C PHE A 157 -8.68 0.18 14.60
N LEU A 158 -8.01 0.25 15.74
CA LEU A 158 -6.73 0.96 15.77
C LEU A 158 -5.75 0.19 14.90
N ALA A 159 -5.13 0.89 13.96
CA ALA A 159 -4.24 0.27 13.00
C ALA A 159 -2.91 0.99 12.99
N LEU A 160 -1.83 0.23 13.19
CA LEU A 160 -0.48 0.65 12.82
C LEU A 160 -0.14 -0.16 11.57
N PRO A 161 -0.53 0.30 10.38
CA PRO A 161 -0.46 -0.56 9.20
C PRO A 161 0.95 -1.05 8.93
N GLY A 162 1.04 -2.31 8.46
CA GLY A 162 2.30 -2.97 8.26
C GLY A 162 2.79 -3.73 9.47
N SER A 163 2.43 -3.29 10.67
CA SER A 163 2.83 -4.00 11.88
C SER A 163 2.02 -5.28 12.03
N ARG A 164 2.60 -6.22 12.76
CA ARG A 164 1.93 -7.46 13.13
C ARG A 164 1.23 -7.37 14.48
N GLU A 165 1.57 -6.38 15.29
CA GLU A 165 0.99 -6.26 16.63
C GLU A 165 -0.34 -5.52 16.63
N ALA A 166 -0.58 -4.67 15.64
CA ALA A 166 -1.85 -3.95 15.51
C ALA A 166 -2.14 -3.73 14.03
N PRO A 167 -2.49 -4.80 13.31
CA PRO A 167 -2.64 -4.68 11.85
C PRO A 167 -3.88 -3.93 11.41
N GLY A 168 -4.88 -3.76 12.28
CA GLY A 168 -6.09 -3.08 11.92
C GLY A 168 -7.16 -4.02 11.37
N ASN A 169 -8.39 -3.51 11.34
CA ASN A 169 -9.55 -4.22 10.81
C ASN A 169 -9.86 -5.51 11.55
N VAL A 170 -9.34 -5.70 12.76
CA VAL A 170 -9.58 -6.96 13.45
C VAL A 170 -11.04 -7.08 13.88
N GLY A 171 -11.74 -5.95 14.07
CA GLY A 171 -13.17 -6.02 14.28
C GLY A 171 -13.91 -6.58 13.08
N LEU A 172 -13.43 -6.30 11.87
CA LEU A 172 -13.99 -6.96 10.69
C LEU A 172 -13.65 -8.44 10.66
N LEU A 173 -12.47 -8.81 11.16
CA LEU A 173 -12.11 -10.22 11.20
C LEU A 173 -12.92 -10.99 12.23
N ASP A 174 -13.32 -10.33 13.34
CA ASP A 174 -14.25 -10.98 14.25
C ASP A 174 -15.57 -11.28 13.56
N GLN A 175 -16.06 -10.35 12.74
CA GLN A 175 -17.26 -10.60 11.95
C GLN A 175 -17.04 -11.78 11.00
N ARG A 176 -15.89 -11.82 10.33
CA ARG A 176 -15.62 -12.89 9.39
C ARG A 176 -15.52 -14.23 10.11
N LEU A 177 -14.87 -14.27 11.27
CA LEU A 177 -14.79 -15.51 12.04
C LEU A 177 -16.20 -15.99 12.41
N ALA A 178 -17.07 -15.08 12.82
CA ALA A 178 -18.46 -15.44 13.09
C ALA A 178 -19.13 -16.01 11.85
N LEU A 179 -18.86 -15.42 10.69
CA LEU A 179 -19.43 -15.93 9.44
C LEU A 179 -18.89 -17.32 9.12
N GLN A 180 -17.60 -17.54 9.39
CA GLN A 180 -17.05 -18.88 9.22
C GLN A 180 -17.69 -19.86 10.21
N TRP A 181 -17.94 -19.40 11.44
CA TRP A 181 -18.64 -20.23 12.42
C TRP A 181 -20.01 -20.65 11.91
N VAL A 182 -20.73 -19.71 11.27
CA VAL A 182 -22.06 -20.01 10.74
C VAL A 182 -21.97 -21.12 9.69
N GLN A 183 -21.00 -21.00 8.78
CA GLN A 183 -20.85 -22.00 7.72
C GLN A 183 -20.60 -23.38 8.31
N GLU A 184 -19.79 -23.46 9.37
CA GLU A 184 -19.42 -24.75 9.93
C GLU A 184 -20.47 -25.32 10.89
N ASN A 185 -21.31 -24.48 11.50
CA ASN A 185 -22.12 -24.93 12.62
C ASN A 185 -23.61 -24.65 12.52
N VAL A 186 -24.08 -23.83 11.58
CA VAL A 186 -25.48 -23.44 11.61
C VAL A 186 -26.40 -24.60 11.26
N ALA A 187 -25.89 -25.62 10.55
CA ALA A 187 -26.74 -26.77 10.22
C ALA A 187 -27.18 -27.53 11.47
N ALA A 188 -26.39 -27.47 12.55
CA ALA A 188 -26.80 -28.13 13.79
C ALA A 188 -28.03 -27.49 14.41
N PHE A 189 -28.31 -26.23 14.08
CA PHE A 189 -29.50 -25.55 14.55
C PHE A 189 -30.64 -25.63 13.55
N GLY A 190 -30.45 -26.34 12.45
CA GLY A 190 -31.43 -26.39 11.39
C GLY A 190 -31.25 -25.37 10.30
N GLY A 191 -30.19 -24.57 10.36
CA GLY A 191 -29.98 -23.55 9.34
C GLY A 191 -29.30 -24.10 8.11
N ASP A 192 -29.56 -23.44 6.98
CA ASP A 192 -28.98 -23.84 5.71
C ASP A 192 -27.75 -23.01 5.41
N PRO A 193 -26.55 -23.57 5.50
CA PRO A 193 -25.35 -22.77 5.18
C PRO A 193 -25.24 -22.35 3.72
N THR A 194 -26.07 -22.91 2.83
CA THR A 194 -26.09 -22.49 1.43
C THR A 194 -27.10 -21.37 1.18
N SER A 195 -27.67 -20.78 2.23
CA SER A 195 -28.62 -19.68 2.08
C SER A 195 -28.47 -18.74 3.30
N VAL A 196 -27.42 -17.91 3.24
CA VAL A 196 -27.09 -16.99 4.31
C VAL A 196 -27.21 -15.56 3.80
N THR A 197 -27.99 -14.74 4.49
CA THR A 197 -28.20 -13.35 4.12
C THR A 197 -27.70 -12.45 5.23
N LEU A 198 -26.68 -11.65 4.94
CA LEU A 198 -26.22 -10.64 5.87
C LEU A 198 -27.14 -9.44 5.84
N PHE A 199 -27.43 -8.88 7.01
CA PHE A 199 -28.04 -7.57 7.06
C PHE A 199 -27.49 -6.80 8.25
N GLY A 200 -27.36 -5.50 8.05
CA GLY A 200 -26.77 -4.62 9.04
C GLY A 200 -27.25 -3.20 8.79
N GLU A 201 -26.98 -2.35 9.77
CA GLU A 201 -27.47 -0.98 9.73
C GLU A 201 -26.33 -0.03 10.08
N SER A 202 -26.26 1.09 9.36
CA SER A 202 -25.24 2.13 9.57
C SER A 202 -23.87 1.48 9.41
N ALA A 203 -23.00 1.50 10.42
CA ALA A 203 -21.71 0.85 10.32
C ALA A 203 -21.86 -0.66 10.09
N GLY A 204 -22.97 -1.23 10.54
CA GLY A 204 -23.25 -2.62 10.22
C GLY A 204 -23.49 -2.83 8.74
N ALA A 205 -24.16 -1.86 8.09
CA ALA A 205 -24.35 -1.93 6.65
C ALA A 205 -23.04 -1.71 5.91
N ALA A 206 -22.22 -0.77 6.39
CA ALA A 206 -20.89 -0.59 5.83
C ALA A 206 -20.06 -1.86 5.97
N SER A 207 -20.19 -2.55 7.11
CA SER A 207 -19.50 -3.81 7.30
C SER A 207 -19.97 -4.85 6.28
N VAL A 208 -21.29 -4.97 6.10
CA VAL A 208 -21.84 -5.91 5.12
C VAL A 208 -21.25 -5.64 3.74
N GLY A 209 -21.19 -4.36 3.36
CA GLY A 209 -20.62 -4.02 2.06
C GLY A 209 -19.16 -4.42 1.92
N MET A 210 -18.40 -4.27 3.00
CA MET A 210 -16.99 -4.64 2.95
C MET A 210 -16.80 -6.14 2.83
N HIS A 211 -17.70 -6.93 3.41
CA HIS A 211 -17.65 -8.38 3.19
C HIS A 211 -17.97 -8.72 1.75
N LEU A 212 -18.86 -7.96 1.10
CA LEU A 212 -19.10 -8.15 -0.33
C LEU A 212 -17.85 -7.90 -1.14
N LEU A 213 -17.04 -6.91 -0.74
CA LEU A 213 -15.89 -6.47 -1.50
C LEU A 213 -14.60 -7.16 -1.09
N SER A 214 -14.66 -8.09 -0.15
CA SER A 214 -13.48 -8.83 0.31
C SER A 214 -13.64 -10.30 -0.05
N PRO A 215 -12.85 -10.83 -0.98
CA PRO A 215 -13.07 -12.20 -1.50
C PRO A 215 -13.13 -13.26 -0.41
N PRO A 216 -12.26 -13.22 0.61
CA PRO A 216 -12.36 -14.25 1.66
C PRO A 216 -13.69 -14.26 2.40
N SER A 217 -14.37 -13.12 2.49
CA SER A 217 -15.69 -13.07 3.12
C SER A 217 -16.82 -13.43 2.17
N ARG A 218 -16.64 -13.14 0.87
CA ARG A 218 -17.74 -13.25 -0.09
C ARG A 218 -18.26 -14.67 -0.22
N GLY A 219 -17.40 -15.67 -0.03
CA GLY A 219 -17.86 -17.04 -0.11
C GLY A 219 -18.63 -17.54 1.09
N LEU A 220 -18.83 -16.70 2.11
CA LEU A 220 -19.50 -17.11 3.34
C LEU A 220 -20.96 -16.72 3.40
N PHE A 221 -21.48 -16.07 2.36
CA PHE A 221 -22.89 -15.67 2.33
C PHE A 221 -23.30 -15.49 0.88
N HIS A 222 -24.60 -15.26 0.68
CA HIS A 222 -25.17 -15.25 -0.66
C HIS A 222 -25.99 -14.02 -0.99
N ARG A 223 -26.54 -13.31 -0.01
CA ARG A 223 -27.29 -12.09 -0.25
C ARG A 223 -27.00 -11.10 0.86
N ALA A 224 -27.30 -9.83 0.59
CA ALA A 224 -26.93 -8.76 1.49
C ALA A 224 -28.05 -7.74 1.60
N VAL A 225 -28.19 -7.18 2.79
CA VAL A 225 -29.11 -6.08 3.06
C VAL A 225 -28.32 -4.97 3.73
N LEU A 226 -28.38 -3.77 3.18
CA LEU A 226 -27.63 -2.62 3.69
C LEU A 226 -28.64 -1.53 4.04
N GLN A 227 -28.81 -1.27 5.33
CA GLN A 227 -29.77 -0.29 5.83
C GLN A 227 -29.03 0.94 6.30
N SER A 228 -29.27 2.08 5.63
CA SER A 228 -28.74 3.38 6.04
C SER A 228 -27.22 3.35 6.20
N GLY A 229 -26.54 2.73 5.25
CA GLY A 229 -25.09 2.64 5.31
C GLY A 229 -24.49 1.97 4.10
N ALA A 230 -23.22 2.29 3.81
CA ALA A 230 -22.54 1.77 2.64
C ALA A 230 -21.04 1.78 2.92
N PRO A 231 -20.27 0.85 2.35
CA PRO A 231 -18.83 0.85 2.59
C PRO A 231 -18.11 2.05 2.00
N ASN A 232 -18.70 2.73 1.03
CA ASN A 232 -18.07 3.88 0.39
C ASN A 232 -18.39 5.20 1.06
N GLY A 233 -19.05 5.17 2.22
CA GLY A 233 -19.30 6.37 2.98
C GLY A 233 -18.01 7.07 3.36
N PRO A 234 -18.05 8.41 3.43
CA PRO A 234 -16.84 9.16 3.79
C PRO A 234 -16.36 8.93 5.22
N TRP A 235 -17.18 8.30 6.05
CA TRP A 235 -16.85 8.01 7.44
C TRP A 235 -16.42 6.57 7.67
N ALA A 236 -16.65 5.68 6.69
CA ALA A 236 -16.57 4.25 6.92
C ALA A 236 -15.15 3.69 6.79
N THR A 237 -14.27 4.36 6.06
CA THR A 237 -12.89 3.89 5.93
C THR A 237 -11.94 5.06 6.15
N VAL A 238 -10.68 4.71 6.35
CA VAL A 238 -9.62 5.68 6.58
C VAL A 238 -8.37 5.19 5.86
N GLY A 239 -7.51 6.13 5.47
CA GLY A 239 -6.28 5.78 4.80
C GLY A 239 -5.22 5.28 5.77
N MET A 240 -4.21 4.59 5.21
CA MET A 240 -3.16 4.01 6.04
C MET A 240 -2.43 5.08 6.83
N GLY A 241 -2.11 6.21 6.21
CA GLY A 241 -1.39 7.25 6.90
C GLY A 241 -2.21 7.88 8.02
N GLU A 242 -3.48 8.18 7.74
CA GLU A 242 -4.33 8.79 8.76
C GLU A 242 -4.61 7.82 9.90
N ALA A 243 -4.74 6.52 9.59
CA ALA A 243 -4.91 5.52 10.64
C ALA A 243 -3.69 5.48 11.57
N ARG A 244 -2.49 5.51 10.99
CA ARG A 244 -1.29 5.49 11.80
C ARG A 244 -1.17 6.75 12.65
N ARG A 245 -1.56 7.90 12.10
CA ARG A 245 -1.47 9.15 12.86
C ARG A 245 -2.42 9.14 14.04
N ARG A 246 -3.65 8.67 13.86
CA ARG A 246 -4.59 8.60 14.97
C ARG A 246 -4.15 7.59 16.01
N ALA A 247 -3.65 6.43 15.57
CA ALA A 247 -3.12 5.44 16.49
C ALA A 247 -1.96 6.02 17.29
N THR A 248 -1.04 6.71 16.62
CA THR A 248 0.11 7.29 17.28
C THR A 248 -0.30 8.40 18.26
N GLN A 249 -1.29 9.21 17.88
CA GLN A 249 -1.74 10.27 18.78
C GLN A 249 -2.44 9.69 20.00
N LEU A 250 -3.25 8.65 19.82
CA LEU A 250 -3.87 7.98 20.96
C LEU A 250 -2.80 7.48 21.93
N ALA A 251 -1.77 6.83 21.41
CA ALA A 251 -0.66 6.39 22.25
C ALA A 251 -0.04 7.56 23.00
N HIS A 252 0.25 8.64 22.29
CA HIS A 252 0.87 9.81 22.93
C HIS A 252 -0.03 10.37 24.01
N LEU A 253 -1.35 10.34 23.80
CA LEU A 253 -2.28 10.92 24.77
C LEU A 253 -2.37 10.10 26.06
N VAL A 254 -2.00 8.81 26.02
CA VAL A 254 -2.06 7.95 27.19
C VAL A 254 -0.67 7.60 27.71
N GLY A 255 0.37 8.22 27.17
CA GLY A 255 1.71 8.05 27.69
C GLY A 255 2.59 7.05 26.98
N CYS A 256 2.33 6.75 25.70
CA CYS A 256 3.09 5.77 24.95
C CYS A 256 3.66 6.40 23.69
N PRO A 257 4.97 6.25 23.43
CA PRO A 257 5.89 5.62 24.38
C PRO A 257 6.39 6.66 25.37
N PRO A 258 7.00 6.23 26.47
CA PRO A 258 7.54 7.22 27.42
C PRO A 258 8.70 8.00 26.82
N GLY A 262 6.03 7.84 18.57
CA GLY A 262 6.09 6.82 17.54
C GLY A 262 7.08 5.73 17.79
N GLY A 263 8.01 5.49 16.88
CA GLY A 263 9.03 4.45 17.04
C GLY A 263 8.69 3.03 16.65
N ASN A 264 9.37 2.05 17.25
CA ASN A 264 9.17 0.64 17.02
C ASN A 264 7.70 0.36 17.25
N ASP A 265 7.06 -0.24 16.29
CA ASP A 265 5.62 -0.50 16.44
C ASP A 265 5.37 -1.54 17.53
N THR A 266 6.31 -2.47 17.73
CA THR A 266 6.17 -3.49 18.77
C THR A 266 6.22 -2.87 20.16
N GLU A 267 7.19 -2.02 20.40
CA GLU A 267 7.29 -1.36 21.68
C GLU A 267 6.06 -0.50 21.92
N LEU A 268 5.51 0.05 20.83
CA LEU A 268 4.39 0.97 20.94
C LEU A 268 3.11 0.24 21.34
N VAL A 269 2.76 -0.82 20.61
CA VAL A 269 1.56 -1.60 20.94
C VAL A 269 1.69 -2.23 22.31
N ALA A 270 2.89 -2.70 22.65
CA ALA A 270 3.11 -3.32 23.96
C ALA A 270 2.81 -2.33 25.08
N CYS A 271 3.22 -1.07 24.92
CA CYS A 271 2.87 -0.04 25.90
C CYS A 271 1.37 0.18 25.94
N LEU A 272 0.73 0.22 24.77
CA LEU A 272 -0.72 0.38 24.72
C LEU A 272 -1.45 -0.76 25.43
N ARG A 273 -0.90 -1.97 25.38
CA ARG A 273 -1.57 -3.12 25.97
C ARG A 273 -1.55 -3.09 27.49
N THR A 274 -0.65 -2.30 28.09
CA THR A 274 -0.63 -2.17 29.54
C THR A 274 -1.64 -1.15 30.06
N ARG A 275 -2.34 -0.44 29.17
CA ARG A 275 -3.24 0.55 29.74
C ARG A 275 -4.64 -0.05 29.92
N PRO A 276 -5.32 0.31 31.01
CA PRO A 276 -6.69 -0.16 31.20
C PRO A 276 -7.57 0.22 30.02
N ALA A 277 -8.52 -0.66 29.70
CA ALA A 277 -9.40 -0.45 28.56
C ALA A 277 -10.11 0.89 28.65
N GLN A 278 -10.60 1.25 29.84
CA GLN A 278 -11.32 2.51 30.00
C GLN A 278 -10.45 3.71 29.72
N VAL A 279 -9.14 3.62 29.99
CA VAL A 279 -8.25 4.75 29.72
C VAL A 279 -8.19 5.04 28.23
N LEU A 280 -8.14 3.99 27.41
CA LEU A 280 -8.13 4.22 25.96
C LEU A 280 -9.47 4.78 25.49
N VAL A 281 -10.57 4.26 26.02
CA VAL A 281 -11.90 4.77 25.64
C VAL A 281 -12.01 6.26 25.96
N ASN A 282 -11.47 6.68 27.11
CA ASN A 282 -11.62 8.06 27.55
C ASN A 282 -10.91 9.05 26.65
N HIS A 283 -9.93 8.61 25.86
CA HIS A 283 -9.15 9.52 25.03
C HIS A 283 -9.44 9.37 23.54
N GLU A 284 -10.35 8.51 23.20
CA GLU A 284 -10.60 8.21 21.85
C GLU A 284 -11.02 9.33 20.93
N TRP A 285 -11.90 10.18 21.34
CA TRP A 285 -12.43 11.24 20.49
C TRP A 285 -11.42 12.35 20.25
N HIS A 286 -10.34 12.40 21.04
CA HIS A 286 -9.35 13.44 20.93
C HIS A 286 -8.42 13.27 19.72
N VAL A 287 -8.39 12.08 19.11
CA VAL A 287 -7.50 11.87 17.96
C VAL A 287 -8.09 12.34 16.65
N LEU A 288 -9.37 12.72 16.63
CA LEU A 288 -9.98 13.20 15.41
C LEU A 288 -9.36 14.55 15.01
N PRO A 289 -9.04 14.74 13.73
CA PRO A 289 -8.30 15.95 13.34
C PRO A 289 -9.08 17.25 13.49
N GLN A 290 -10.41 17.18 13.40
CA GLN A 290 -11.26 18.37 13.41
C GLN A 290 -12.64 18.25 14.08
N GLU A 291 -13.26 19.41 14.29
CA GLU A 291 -14.56 19.54 14.93
C GLU A 291 -15.65 19.07 13.97
N SER A 292 -16.14 17.84 14.17
CA SER A 292 -17.03 17.23 13.18
C SER A 292 -18.22 16.53 13.83
N VAL A 293 -19.22 16.25 13.00
CA VAL A 293 -20.24 15.26 13.27
C VAL A 293 -20.12 14.19 12.19
N PHE A 294 -20.59 12.98 12.53
CA PHE A 294 -20.57 11.85 11.60
C PHE A 294 -19.15 11.45 11.20
N ARG A 295 -18.19 11.61 12.11
CA ARG A 295 -16.84 11.12 11.92
C ARG A 295 -16.42 10.36 13.17
N PHE A 296 -15.69 9.27 12.96
CA PHE A 296 -15.36 8.34 14.03
C PHE A 296 -13.88 8.01 13.98
N SER A 297 -13.27 7.86 15.16
CA SER A 297 -11.82 7.82 15.27
C SER A 297 -11.24 6.57 14.60
N PHE A 298 -11.71 5.39 15.00
CA PHE A 298 -11.12 4.14 14.59
C PHE A 298 -12.12 3.35 13.76
N VAL A 299 -11.86 3.27 12.46
CA VAL A 299 -12.75 2.68 11.47
C VAL A 299 -11.92 1.78 10.58
N PRO A 300 -12.53 0.98 9.69
CA PRO A 300 -11.75 0.14 8.80
C PRO A 300 -10.69 0.91 8.01
N VAL A 301 -9.53 0.27 7.87
CA VAL A 301 -8.37 0.81 7.17
C VAL A 301 -8.34 0.21 5.76
N VAL A 302 -8.07 1.05 4.77
CA VAL A 302 -7.83 0.56 3.40
C VAL A 302 -6.31 0.37 3.28
N ASP A 303 -5.88 -0.89 3.42
CA ASP A 303 -4.45 -1.19 3.54
C ASP A 303 -4.00 -2.29 2.59
N GLY A 304 -4.86 -2.74 1.67
CA GLY A 304 -4.50 -3.77 0.73
C GLY A 304 -4.81 -5.20 1.15
N ASP A 305 -5.11 -5.44 2.41
CA ASP A 305 -5.39 -6.80 2.82
C ASP A 305 -6.87 -7.11 2.85
N PHE A 306 -7.59 -6.69 3.87
CA PHE A 306 -9.03 -6.93 3.86
C PHE A 306 -9.68 -6.28 2.64
N LEU A 307 -9.29 -5.05 2.33
CA LEU A 307 -9.75 -4.34 1.14
C LEU A 307 -8.54 -4.06 0.27
N SER A 308 -8.47 -4.72 -0.89
CA SER A 308 -7.33 -4.51 -1.79
C SER A 308 -7.31 -3.12 -2.38
N ASP A 309 -8.44 -2.41 -2.39
CA ASP A 309 -8.50 -1.02 -2.78
C ASP A 309 -9.65 -0.37 -2.00
N THR A 310 -9.88 0.91 -2.29
CA THR A 310 -10.98 1.62 -1.67
C THR A 310 -12.31 0.94 -2.04
N PRO A 311 -13.31 1.03 -1.16
CA PRO A 311 -14.65 0.53 -1.54
C PRO A 311 -15.15 1.14 -2.84
N GLU A 312 -14.93 2.44 -3.05
CA GLU A 312 -15.32 3.08 -4.30
C GLU A 312 -14.73 2.35 -5.50
N ALA A 313 -13.42 2.09 -5.48
CA ALA A 313 -12.75 1.44 -6.61
C ALA A 313 -13.27 0.02 -6.79
N LEU A 314 -13.34 -0.75 -5.69
CA LEU A 314 -13.82 -2.13 -5.79
C LEU A 314 -15.24 -2.19 -6.29
N ILE A 315 -16.06 -1.19 -5.95
CA ILE A 315 -17.44 -1.15 -6.41
C ILE A 315 -17.51 -0.93 -7.92
N ASN A 316 -16.78 0.07 -8.41
CA ASN A 316 -16.83 0.41 -9.83
C ASN A 316 -16.25 -0.69 -10.71
N ALA A 317 -15.33 -1.49 -10.17
CA ALA A 317 -14.62 -2.49 -10.94
C ALA A 317 -15.05 -3.91 -10.64
N GLY A 318 -16.19 -4.09 -9.97
CA GLY A 318 -16.62 -5.41 -9.53
C GLY A 318 -17.61 -6.07 -10.48
N ASP A 319 -17.54 -7.40 -10.55
CA ASP A 319 -18.52 -8.21 -11.25
C ASP A 319 -19.49 -8.77 -10.21
N PHE A 320 -20.74 -8.32 -10.28
CA PHE A 320 -21.72 -8.66 -9.25
C PHE A 320 -22.87 -9.50 -9.80
N HIS A 321 -22.60 -10.34 -10.79
CA HIS A 321 -23.60 -11.29 -11.26
C HIS A 321 -23.77 -12.41 -10.25
N GLY A 322 -25.02 -12.82 -10.05
CA GLY A 322 -25.34 -13.83 -9.06
C GLY A 322 -25.59 -13.29 -7.67
N LEU A 323 -25.74 -11.98 -7.51
CA LEU A 323 -25.88 -11.34 -6.22
C LEU A 323 -27.19 -10.55 -6.17
N GLN A 324 -27.95 -10.75 -5.10
CA GLN A 324 -29.14 -9.96 -4.83
C GLN A 324 -28.88 -9.13 -3.57
N VAL A 325 -29.20 -7.84 -3.64
CA VAL A 325 -28.98 -6.92 -2.53
C VAL A 325 -30.23 -6.08 -2.33
N LEU A 326 -30.53 -5.77 -1.07
CA LEU A 326 -31.63 -4.90 -0.68
C LEU A 326 -31.04 -3.75 0.11
N VAL A 327 -31.29 -2.52 -0.33
CA VAL A 327 -30.72 -1.33 0.30
C VAL A 327 -31.81 -0.31 0.53
N GLY A 328 -31.54 0.61 1.45
CA GLY A 328 -32.50 1.68 1.71
C GLY A 328 -31.99 2.62 2.77
N VAL A 329 -32.78 3.67 2.98
CA VAL A 329 -32.48 4.73 3.94
C VAL A 329 -33.78 5.13 4.63
N VAL A 330 -33.66 5.87 5.73
CA VAL A 330 -34.83 6.46 6.37
C VAL A 330 -35.06 7.83 5.74
N LYS A 331 -36.19 8.47 6.07
CA LYS A 331 -36.58 9.68 5.38
C LYS A 331 -35.72 10.87 5.77
N ASP A 332 -35.21 10.89 7.01
CA ASP A 332 -34.44 12.03 7.52
C ASP A 332 -33.14 11.51 8.15
N GLU A 333 -32.18 11.18 7.30
CA GLU A 333 -30.95 10.54 7.77
C GLU A 333 -30.08 11.49 8.59
N GLY A 334 -30.08 12.77 8.27
CA GLY A 334 -29.11 13.68 8.84
C GLY A 334 -29.44 14.30 10.18
N SER A 335 -30.74 14.33 10.54
CA SER A 335 -31.17 15.11 11.69
C SER A 335 -30.56 14.62 13.00
N TYR A 336 -30.51 13.29 13.18
CA TYR A 336 -30.00 12.71 14.43
C TYR A 336 -28.58 13.20 14.74
N PHE A 337 -27.75 13.32 13.71
CA PHE A 337 -26.34 13.66 13.91
C PHE A 337 -26.12 15.14 14.18
N LEU A 338 -27.11 16.00 13.92
CA LEU A 338 -26.90 17.44 14.04
C LEU A 338 -26.84 17.89 15.49
N VAL A 339 -27.58 17.24 16.39
CA VAL A 339 -27.55 17.64 17.79
C VAL A 339 -26.28 17.22 18.50
N TYR A 340 -25.35 16.57 17.80
CA TYR A 340 -24.07 16.14 18.36
C TYR A 340 -22.91 17.03 17.92
N GLY A 341 -23.12 18.35 17.87
CA GLY A 341 -22.03 19.24 17.57
C GLY A 341 -22.32 20.39 16.63
N ALA A 342 -23.37 20.27 15.83
CA ALA A 342 -23.70 21.32 14.88
C ALA A 342 -24.20 22.56 15.62
N PRO A 343 -23.68 23.74 15.31
CA PRO A 343 -24.08 24.94 16.05
C PRO A 343 -25.56 25.25 15.90
N GLY A 344 -26.23 25.48 17.03
CA GLY A 344 -27.62 25.87 17.05
C GLY A 344 -28.62 24.75 17.15
N PHE A 345 -28.17 23.51 17.29
CA PHE A 345 -29.06 22.35 17.27
C PHE A 345 -29.23 21.77 18.66
N SER A 346 -30.46 21.34 18.94
CA SER A 346 -30.78 20.63 20.18
C SER A 346 -32.05 19.84 19.95
N LYS A 347 -32.18 18.72 20.66
CA LYS A 347 -33.44 17.99 20.64
C LYS A 347 -34.53 18.71 21.43
N ASP A 348 -34.15 19.65 22.28
CA ASP A 348 -35.09 20.29 23.21
C ASP A 348 -35.63 21.62 22.70
N ASN A 349 -35.24 22.07 21.52
CA ASN A 349 -35.90 23.20 20.88
C ASN A 349 -36.02 22.89 19.38
N GLU A 350 -36.43 23.89 18.61
CA GLU A 350 -36.70 23.70 17.20
C GLU A 350 -35.44 23.76 16.33
N SER A 351 -34.31 24.16 16.90
CA SER A 351 -33.04 24.22 16.17
C SER A 351 -33.18 25.05 14.89
N LEU A 352 -33.89 26.17 15.00
CA LEU A 352 -34.06 27.10 13.89
C LEU A 352 -32.80 27.95 13.79
N ILE A 353 -31.87 27.52 12.96
CA ILE A 353 -30.54 28.10 12.92
C ILE A 353 -30.51 29.30 11.99
N SER A 354 -29.48 30.11 12.15
CA SER A 354 -29.25 31.28 11.30
C SER A 354 -28.40 30.89 10.09
N ARG A 355 -28.29 31.84 9.16
CA ARG A 355 -27.42 31.65 8.00
C ARG A 355 -25.98 31.41 8.42
N ALA A 356 -25.50 32.20 9.38
CA ALA A 356 -24.13 32.02 9.86
C ALA A 356 -23.94 30.64 10.51
N GLU A 357 -24.94 30.19 11.27
CA GLU A 357 -24.85 28.86 11.86
C GLU A 357 -24.93 27.78 10.80
N PHE A 358 -25.67 28.02 9.70
CA PHE A 358 -25.73 27.06 8.61
C PHE A 358 -24.38 26.94 7.91
N LEU A 359 -23.74 28.07 7.63
CA LEU A 359 -22.43 28.05 6.99
C LEU A 359 -21.39 27.38 7.89
N ALA A 360 -21.45 27.63 9.19
CA ALA A 360 -20.53 26.98 10.12
C ALA A 360 -20.82 25.49 10.22
N GLY A 361 -22.10 25.11 10.14
CA GLY A 361 -22.45 23.70 10.22
C GLY A 361 -22.00 22.91 9.01
N VAL A 362 -21.88 23.57 7.86
CA VAL A 362 -21.43 22.88 6.65
C VAL A 362 -20.01 22.36 6.84
N ARG A 363 -19.14 23.17 7.47
CA ARG A 363 -17.77 22.73 7.69
C ARG A 363 -17.70 21.59 8.71
N VAL A 364 -18.62 21.56 9.67
CA VAL A 364 -18.65 20.48 10.64
C VAL A 364 -19.22 19.21 10.00
N GLY A 365 -20.26 19.36 9.17
CA GLY A 365 -20.87 18.22 8.51
C GLY A 365 -20.11 17.72 7.30
N VAL A 366 -19.25 18.55 6.72
CA VAL A 366 -18.39 18.13 5.61
C VAL A 366 -16.97 18.50 5.99
N PRO A 367 -16.36 17.80 6.94
CA PRO A 367 -15.04 18.18 7.41
C PRO A 367 -13.97 17.85 6.39
N GLN A 368 -12.88 18.53 6.51
CA GLN A 368 -11.73 18.29 5.69
C GLN A 368 -11.85 18.49 4.18
N VAL A 369 -12.62 19.45 3.70
CA VAL A 369 -12.70 19.75 2.28
C VAL A 369 -12.21 21.17 2.10
N SER A 370 -11.71 21.46 0.90
CA SER A 370 -11.23 22.80 0.63
C SER A 370 -12.36 23.81 0.80
N ASP A 371 -11.97 25.07 0.97
CA ASP A 371 -12.97 26.13 1.02
C ASP A 371 -13.84 26.11 -0.22
N LEU A 372 -13.24 25.79 -1.38
CA LEU A 372 -14.00 25.71 -2.62
C LEU A 372 -15.05 24.63 -2.55
N ALA A 373 -14.69 23.44 -2.04
CA ALA A 373 -15.68 22.37 -1.91
C ALA A 373 -16.80 22.78 -0.97
N ALA A 374 -16.47 23.44 0.13
CA ALA A 374 -17.50 23.94 1.04
C ALA A 374 -18.40 24.95 0.33
N GLU A 375 -17.83 25.77 -0.54
CA GLU A 375 -18.64 26.74 -1.26
C GLU A 375 -19.57 26.06 -2.26
N ALA A 376 -19.13 24.96 -2.86
CA ALA A 376 -20.01 24.19 -3.74
C ALA A 376 -21.17 23.61 -2.95
N VAL A 377 -20.91 23.12 -1.74
CA VAL A 377 -21.98 22.60 -0.88
C VAL A 377 -23.02 23.70 -0.63
N VAL A 378 -22.57 24.88 -0.22
CA VAL A 378 -23.50 25.94 0.14
C VAL A 378 -24.28 26.41 -1.08
N LEU A 379 -23.63 26.49 -2.24
CA LEU A 379 -24.33 26.85 -3.47
C LEU A 379 -25.47 25.87 -3.76
N HIS A 380 -25.19 24.62 -3.62
CA HIS A 380 -26.16 23.61 -3.87
C HIS A 380 -27.35 23.49 -2.92
N TYR A 381 -27.12 23.69 -1.64
CA TYR A 381 -28.15 23.49 -0.63
C TYR A 381 -28.80 24.78 -0.15
N THR A 382 -28.48 25.92 -0.77
CA THR A 382 -29.12 27.18 -0.46
C THR A 382 -30.24 27.43 -1.46
N ASP A 383 -31.42 27.79 -0.95
CA ASP A 383 -32.50 28.32 -1.77
C ASP A 383 -32.27 29.82 -1.90
N TRP A 384 -31.84 30.26 -3.08
CA TRP A 384 -31.44 31.64 -3.25
C TRP A 384 -32.62 32.61 -3.35
N LEU A 385 -33.85 32.10 -3.30
CA LEU A 385 -35.02 32.95 -3.06
C LEU A 385 -35.34 33.10 -1.58
N HIS A 386 -34.81 32.19 -0.74
CA HIS A 386 -34.99 32.26 0.72
C HIS A 386 -33.68 31.89 1.39
N PRO A 387 -32.62 32.67 1.17
CA PRO A 387 -31.29 32.22 1.61
C PRO A 387 -31.11 32.18 3.13
N GLU A 388 -31.97 32.85 3.90
CA GLU A 388 -31.75 32.96 5.34
C GLU A 388 -32.97 32.54 6.16
N ASP A 389 -33.90 31.80 5.59
CA ASP A 389 -35.07 31.36 6.34
C ASP A 389 -34.66 30.23 7.29
N PRO A 390 -34.81 30.41 8.60
CA PRO A 390 -34.24 29.43 9.55
C PRO A 390 -34.76 28.01 9.37
N ALA A 391 -36.05 27.83 9.11
CA ALA A 391 -36.58 26.47 8.96
C ALA A 391 -35.99 25.78 7.73
N ARG A 392 -35.88 26.50 6.61
CA ARG A 392 -35.26 25.92 5.42
C ARG A 392 -33.78 25.62 5.66
N LEU A 393 -33.10 26.48 6.40
CA LEU A 393 -31.68 26.25 6.69
C LEU A 393 -31.48 25.01 7.56
N ARG A 394 -32.36 24.80 8.55
CA ARG A 394 -32.25 23.61 9.38
C ARG A 394 -32.44 22.36 8.55
N GLU A 395 -33.44 22.38 7.66
CA GLU A 395 -33.74 21.23 6.82
C GLU A 395 -32.62 21.01 5.81
N ALA A 396 -32.03 22.09 5.29
CA ALA A 396 -30.96 21.98 4.31
C ALA A 396 -29.70 21.37 4.93
N LEU A 397 -29.34 21.80 6.14
CA LEU A 397 -28.17 21.22 6.81
C LEU A 397 -28.39 19.75 7.10
N SER A 398 -29.61 19.36 7.45
CA SER A 398 -29.91 17.96 7.66
C SER A 398 -29.73 17.16 6.37
N ASP A 399 -30.12 17.75 5.24
CA ASP A 399 -29.93 17.08 3.96
C ASP A 399 -28.44 16.96 3.61
N VAL A 400 -27.67 18.01 3.90
CA VAL A 400 -26.23 17.96 3.64
C VAL A 400 -25.59 16.76 4.32
N VAL A 401 -25.81 16.63 5.63
CA VAL A 401 -25.20 15.54 6.39
C VAL A 401 -25.75 14.20 5.95
N GLY A 402 -27.06 14.12 5.73
CA GLY A 402 -27.67 12.85 5.32
C GLY A 402 -27.25 12.43 3.93
N ASP A 403 -27.25 13.37 2.98
CA ASP A 403 -26.85 13.04 1.60
C ASP A 403 -25.40 12.60 1.54
N HIS A 404 -24.52 13.42 2.08
CA HIS A 404 -23.09 13.15 2.03
C HIS A 404 -22.63 11.88 2.74
N ASN A 405 -23.30 11.53 3.83
CA ASN A 405 -22.84 10.42 4.65
C ASN A 405 -23.61 9.13 4.41
N VAL A 406 -24.88 9.20 4.02
CA VAL A 406 -25.70 7.99 3.92
C VAL A 406 -26.33 7.85 2.55
N VAL A 407 -27.19 8.81 2.17
CA VAL A 407 -28.08 8.61 1.03
C VAL A 407 -27.29 8.44 -0.27
N CYS A 408 -26.32 9.31 -0.50
CA CYS A 408 -25.62 9.28 -1.78
C CYS A 408 -24.61 8.13 -1.87
N PRO A 409 -23.88 7.79 -0.80
CA PRO A 409 -23.12 6.52 -0.84
C PRO A 409 -23.99 5.32 -1.10
N VAL A 410 -25.17 5.25 -0.45
CA VAL A 410 -26.12 4.17 -0.71
C VAL A 410 -26.54 4.18 -2.16
N ALA A 411 -26.89 5.36 -2.69
CA ALA A 411 -27.35 5.45 -4.07
C ALA A 411 -26.27 5.05 -5.06
N GLN A 412 -25.03 5.48 -4.82
CA GLN A 412 -23.93 5.08 -5.68
C GLN A 412 -23.71 3.57 -5.63
N LEU A 413 -23.82 3.00 -4.43
CA LEU A 413 -23.67 1.57 -4.26
C LEU A 413 -24.76 0.79 -5.01
N ALA A 414 -25.99 1.29 -4.96
CA ALA A 414 -27.10 0.65 -5.65
C ALA A 414 -26.97 0.76 -7.16
N GLY A 415 -26.61 1.94 -7.66
CA GLY A 415 -26.52 2.14 -9.10
C GLY A 415 -25.42 1.31 -9.73
N ARG A 416 -24.23 1.28 -9.11
CA ARG A 416 -23.11 0.55 -9.70
C ARG A 416 -23.33 -0.95 -9.64
N LEU A 417 -23.88 -1.45 -8.52
CA LEU A 417 -24.18 -2.88 -8.42
C LEU A 417 -25.21 -3.29 -9.47
N ALA A 418 -26.27 -2.49 -9.63
CA ALA A 418 -27.31 -2.83 -10.60
C ALA A 418 -26.77 -2.83 -12.02
N ALA A 419 -25.92 -1.85 -12.35
CA ALA A 419 -25.38 -1.77 -13.70
C ALA A 419 -24.37 -2.87 -14.00
N GLN A 420 -23.83 -3.52 -12.97
CA GLN A 420 -22.76 -4.49 -13.15
C GLN A 420 -23.19 -5.90 -12.76
N GLY A 421 -24.48 -6.21 -12.89
CA GLY A 421 -24.96 -7.58 -12.82
C GLY A 421 -25.79 -7.93 -11.62
N ALA A 422 -25.87 -7.06 -10.61
CA ALA A 422 -26.61 -7.41 -9.41
C ALA A 422 -28.09 -7.09 -9.57
N ARG A 423 -28.91 -7.80 -8.79
CA ARG A 423 -30.34 -7.50 -8.67
C ARG A 423 -30.54 -6.69 -7.39
N VAL A 424 -30.99 -5.44 -7.55
CA VAL A 424 -31.04 -4.47 -6.46
C VAL A 424 -32.49 -4.11 -6.17
N TYR A 425 -32.84 -4.06 -4.88
CA TYR A 425 -34.10 -3.49 -4.43
C TYR A 425 -33.81 -2.36 -3.44
N ALA A 426 -34.53 -1.24 -3.60
CA ALA A 426 -34.27 -0.05 -2.81
C ALA A 426 -35.55 0.44 -2.15
N TYR A 427 -35.40 1.00 -0.95
CA TYR A 427 -36.54 1.51 -0.20
C TYR A 427 -36.17 2.83 0.46
N VAL A 428 -37.20 3.58 0.85
CA VAL A 428 -37.07 4.69 1.78
C VAL A 428 -38.08 4.47 2.89
N PHE A 429 -37.61 4.42 4.13
CA PHE A 429 -38.47 4.18 5.28
C PHE A 429 -39.04 5.52 5.76
N GLU A 430 -40.36 5.66 5.69
CA GLU A 430 -41.00 6.96 5.91
C GLU A 430 -42.01 6.97 7.04
N HIS A 431 -42.05 5.94 7.89
CA HIS A 431 -42.98 5.92 9.01
C HIS A 431 -42.28 6.43 10.27
N ARG A 432 -42.88 7.42 10.91
CA ARG A 432 -42.41 7.91 12.19
C ARG A 432 -43.16 7.19 13.31
N ALA A 433 -42.42 6.43 14.12
CA ALA A 433 -43.04 5.59 15.13
C ALA A 433 -43.83 6.42 16.13
N SER A 434 -45.00 5.91 16.53
CA SER A 434 -45.82 6.56 17.53
C SER A 434 -45.11 6.70 18.87
N THR A 435 -44.12 5.84 19.12
CA THR A 435 -43.41 5.81 20.40
C THR A 435 -42.13 6.63 20.38
N LEU A 436 -41.80 7.27 19.27
CA LEU A 436 -40.51 7.96 19.15
C LEU A 436 -40.43 9.14 20.11
N SER A 437 -39.31 9.23 20.83
CA SER A 437 -39.12 10.25 21.85
C SER A 437 -38.39 11.48 21.33
N TRP A 438 -37.77 11.41 20.15
CA TRP A 438 -37.09 12.56 19.58
C TRP A 438 -38.11 13.62 19.16
N PRO A 439 -37.70 14.88 19.06
CA PRO A 439 -38.64 15.93 18.68
C PRO A 439 -39.17 15.76 17.26
N LEU A 440 -40.25 16.48 16.98
CA LEU A 440 -40.97 16.30 15.72
C LEU A 440 -40.15 16.75 14.51
N TRP A 441 -39.33 17.79 14.66
CA TRP A 441 -38.62 18.33 13.50
C TRP A 441 -37.61 17.34 12.93
N MET A 442 -37.16 16.36 13.73
CA MET A 442 -36.21 15.37 13.24
C MET A 442 -36.84 14.37 12.28
N GLY A 443 -38.17 14.35 12.16
CA GLY A 443 -38.80 13.48 11.19
C GLY A 443 -38.63 12.01 11.54
N VAL A 444 -38.21 11.23 10.56
CA VAL A 444 -37.90 9.81 10.76
C VAL A 444 -36.39 9.68 10.86
N PRO A 445 -35.83 9.66 12.07
CA PRO A 445 -34.38 9.76 12.22
C PRO A 445 -33.67 8.46 11.89
N HIS A 446 -32.35 8.58 11.74
CA HIS A 446 -31.49 7.44 11.48
C HIS A 446 -31.65 6.37 12.56
N GLY A 447 -31.77 5.11 12.13
CA GLY A 447 -31.80 3.99 13.02
C GLY A 447 -33.17 3.52 13.48
N TYR A 448 -34.23 4.22 13.11
CA TYR A 448 -35.55 3.94 13.67
C TYR A 448 -36.45 3.16 12.74
N GLU A 449 -35.88 2.54 11.70
CA GLU A 449 -36.55 1.46 11.00
C GLU A 449 -36.23 0.10 11.59
N ILE A 450 -35.14 0.00 12.36
CA ILE A 450 -34.66 -1.29 12.84
C ILE A 450 -35.73 -2.00 13.66
N GLU A 451 -36.38 -1.25 14.57
CA GLU A 451 -37.35 -1.87 15.47
C GLU A 451 -38.49 -2.51 14.71
N PHE A 452 -38.87 -1.96 13.55
CA PHE A 452 -39.93 -2.56 12.76
C PHE A 452 -39.42 -3.79 12.00
N ILE A 453 -38.18 -3.76 11.54
CA ILE A 453 -37.60 -4.92 10.85
C ILE A 453 -37.54 -6.12 11.79
N PHE A 454 -37.16 -5.89 13.05
CA PHE A 454 -37.04 -6.97 14.01
C PHE A 454 -38.37 -7.32 14.68
N GLY A 455 -39.45 -6.64 14.33
CA GLY A 455 -40.75 -6.99 14.87
C GLY A 455 -40.98 -6.59 16.31
N ILE A 456 -40.18 -5.66 16.83
CA ILE A 456 -40.29 -5.18 18.20
C ILE A 456 -41.70 -4.69 18.57
N PRO A 457 -42.46 -4.06 17.65
CA PRO A 457 -43.83 -3.67 18.03
C PRO A 457 -44.72 -4.81 18.50
N LEU A 458 -44.36 -6.06 18.23
CA LEU A 458 -45.14 -7.20 18.69
C LEU A 458 -44.90 -7.53 20.16
N ASP A 459 -43.91 -6.92 20.79
CA ASP A 459 -43.64 -7.15 22.20
C ASP A 459 -44.85 -6.67 23.02
N PRO A 460 -45.47 -7.54 23.83
CA PRO A 460 -46.67 -7.13 24.58
C PRO A 460 -46.42 -5.95 25.51
N SER A 461 -45.24 -5.87 26.13
CA SER A 461 -44.97 -4.78 27.05
C SER A 461 -44.79 -3.43 26.36
N ARG A 462 -44.86 -3.39 25.02
CA ARG A 462 -44.84 -2.13 24.31
C ARG A 462 -46.24 -1.61 24.11
N ASN A 463 -46.33 -0.32 23.77
CA ASN A 463 -47.60 0.29 23.45
C ASN A 463 -47.55 0.90 22.06
N TYR A 464 -47.11 0.12 21.08
CA TYR A 464 -47.27 0.48 19.68
C TYR A 464 -48.74 0.31 19.27
N THR A 465 -49.13 0.98 18.19
CA THR A 465 -50.48 0.83 17.70
C THR A 465 -50.65 -0.50 16.97
N ALA A 466 -51.91 -0.90 16.80
CA ALA A 466 -52.19 -2.12 16.04
C ALA A 466 -51.78 -1.96 14.58
N GLU A 467 -51.93 -0.75 14.03
CA GLU A 467 -51.47 -0.50 12.67
C GLU A 467 -49.97 -0.73 12.54
N GLU A 468 -49.20 -0.30 13.54
CA GLU A 468 -47.75 -0.46 13.48
C GLU A 468 -47.34 -1.93 13.59
N LYS A 469 -48.12 -2.74 14.30
CA LYS A 469 -47.80 -4.17 14.37
C LYS A 469 -48.06 -4.85 13.03
N ILE A 470 -49.10 -4.43 12.32
CA ILE A 470 -49.30 -4.90 10.95
C ILE A 470 -48.12 -4.48 10.08
N PHE A 471 -47.73 -3.21 10.17
CA PHE A 471 -46.60 -2.68 9.41
C PHE A 471 -45.34 -3.50 9.67
N ALA A 472 -45.04 -3.76 10.95
CA ALA A 472 -43.86 -4.55 11.30
C ALA A 472 -43.91 -5.93 10.65
N GLN A 473 -45.08 -6.56 10.66
CA GLN A 473 -45.20 -7.89 10.07
C GLN A 473 -45.05 -7.84 8.55
N ARG A 474 -45.45 -6.74 7.92
CA ARG A 474 -45.20 -6.56 6.49
C ARG A 474 -43.71 -6.51 6.21
N LEU A 475 -42.97 -5.73 6.99
CA LEU A 475 -41.55 -5.55 6.75
C LEU A 475 -40.77 -6.84 7.03
N MET A 476 -41.09 -7.53 8.12
CA MET A 476 -40.47 -8.82 8.38
C MET A 476 -40.68 -9.78 7.22
N ARG A 477 -41.87 -9.73 6.61
CA ARG A 477 -42.16 -10.57 5.44
C ARG A 477 -41.29 -10.18 4.25
N TYR A 478 -41.18 -8.88 3.97
CA TYR A 478 -40.30 -8.42 2.89
C TYR A 478 -38.88 -8.91 3.10
N TRP A 479 -38.34 -8.72 4.32
CA TRP A 479 -36.97 -9.09 4.59
C TRP A 479 -36.75 -10.60 4.48
N ALA A 480 -37.69 -11.39 5.00
CA ALA A 480 -37.52 -12.84 4.98
C ALA A 480 -37.75 -13.40 3.57
N ASN A 481 -38.69 -12.82 2.82
CA ASN A 481 -38.84 -13.23 1.44
C ASN A 481 -37.58 -12.96 0.64
N PHE A 482 -36.91 -11.84 0.93
CA PHE A 482 -35.63 -11.57 0.29
C PHE A 482 -34.58 -12.60 0.70
N ALA A 483 -34.54 -12.93 2.00
CA ALA A 483 -33.57 -13.91 2.47
C ALA A 483 -33.80 -15.27 1.80
N ARG A 484 -35.06 -15.67 1.65
CA ARG A 484 -35.35 -16.98 1.06
C ARG A 484 -35.08 -16.99 -0.43
N THR A 485 -35.55 -15.96 -1.15
CA THR A 485 -35.59 -15.99 -2.61
C THR A 485 -34.78 -14.90 -3.29
N GLY A 486 -34.22 -13.94 -2.55
CA GLY A 486 -33.60 -12.81 -3.21
C GLY A 486 -34.57 -11.84 -3.83
N ASP A 487 -35.85 -11.93 -3.49
CA ASP A 487 -36.91 -11.10 -4.02
C ASP A 487 -37.91 -10.83 -2.91
N PRO A 488 -38.09 -9.57 -2.48
CA PRO A 488 -39.00 -9.29 -1.36
C PRO A 488 -40.47 -9.46 -1.69
N ASN A 489 -40.82 -9.62 -2.96
CA ASN A 489 -42.22 -9.71 -3.37
C ASN A 489 -42.77 -11.12 -3.19
N GLU A 490 -44.10 -11.20 -3.11
CA GLU A 490 -44.84 -12.40 -3.47
C GLU A 490 -46.35 -12.13 -3.47
N PRO A 497 -49.46 -4.81 -4.68
CA PRO A 497 -48.51 -3.87 -5.28
C PRO A 497 -47.08 -4.42 -5.25
N GLN A 498 -46.43 -4.42 -6.40
CA GLN A 498 -45.13 -5.07 -6.52
C GLN A 498 -43.99 -4.09 -6.27
N TRP A 499 -42.84 -4.64 -5.89
CA TRP A 499 -41.62 -3.90 -5.60
C TRP A 499 -40.65 -4.09 -6.76
N PRO A 500 -40.51 -3.10 -7.65
CA PRO A 500 -39.65 -3.29 -8.82
C PRO A 500 -38.19 -3.19 -8.44
N PRO A 501 -37.31 -3.88 -9.16
CA PRO A 501 -35.87 -3.75 -8.90
C PRO A 501 -35.36 -2.35 -9.19
N TYR A 502 -34.32 -1.96 -8.46
CA TYR A 502 -33.64 -0.70 -8.71
C TYR A 502 -32.64 -0.88 -9.85
N THR A 503 -32.62 0.08 -10.76
CA THR A 503 -31.65 0.09 -11.86
C THR A 503 -31.12 1.51 -12.04
N ALA A 504 -29.93 1.60 -12.65
CA ALA A 504 -29.26 2.89 -12.78
C ALA A 504 -30.06 3.89 -13.60
N GLY A 505 -30.88 3.40 -14.53
CA GLY A 505 -31.69 4.30 -15.36
C GLY A 505 -32.97 4.75 -14.70
N ALA A 506 -33.88 3.80 -14.43
CA ALA A 506 -35.16 4.14 -13.86
C ALA A 506 -35.04 4.58 -12.40
N GLN A 507 -34.10 3.99 -11.66
CA GLN A 507 -33.82 4.37 -10.28
C GLN A 507 -35.07 4.27 -9.40
N GLN A 508 -35.81 3.17 -9.55
CA GLN A 508 -37.07 2.99 -8.83
C GLN A 508 -36.84 2.44 -7.44
N TYR A 509 -37.56 3.00 -6.47
CA TYR A 509 -37.57 2.51 -5.10
C TYR A 509 -38.99 2.60 -4.58
N VAL A 510 -39.24 1.96 -3.43
CA VAL A 510 -40.55 1.99 -2.82
C VAL A 510 -40.47 2.70 -1.47
N SER A 511 -41.57 3.35 -1.10
CA SER A 511 -41.69 3.95 0.22
C SER A 511 -42.31 2.93 1.17
N LEU A 512 -41.73 2.81 2.36
CA LEU A 512 -42.23 1.90 3.39
C LEU A 512 -42.88 2.74 4.47
N ASP A 513 -44.20 2.65 4.58
CA ASP A 513 -44.97 3.30 5.63
C ASP A 513 -46.27 2.52 5.83
N LEU A 514 -47.20 3.10 6.60
CA LEU A 514 -48.45 2.41 6.88
C LEU A 514 -49.28 2.22 5.62
N ARG A 515 -49.10 3.08 4.62
CA ARG A 515 -49.81 2.96 3.35
C ARG A 515 -49.20 1.86 2.50
N PRO A 516 -49.92 1.39 1.47
CA PRO A 516 -49.34 0.40 0.57
C PRO A 516 -48.13 0.94 -0.17
N LEU A 517 -47.36 0.02 -0.76
CA LEU A 517 -46.15 0.38 -1.48
C LEU A 517 -46.44 1.42 -2.55
N GLU A 518 -45.58 2.43 -2.62
CA GLU A 518 -45.64 3.46 -3.66
C GLU A 518 -44.27 3.52 -4.32
N VAL A 519 -44.25 3.37 -5.64
CA VAL A 519 -43.00 3.38 -6.40
C VAL A 519 -42.64 4.81 -6.76
N ARG A 520 -41.39 5.18 -6.53
CA ARG A 520 -40.88 6.49 -6.92
C ARG A 520 -39.56 6.32 -7.64
N ARG A 521 -39.05 7.43 -8.18
CA ARG A 521 -37.81 7.43 -8.95
C ARG A 521 -36.79 8.37 -8.30
N GLY A 522 -35.55 7.92 -8.26
CA GLY A 522 -34.46 8.77 -7.84
C GLY A 522 -34.25 8.85 -6.35
N LEU A 523 -33.11 8.32 -5.89
CA LEU A 523 -32.68 8.48 -4.50
C LEU A 523 -31.93 9.81 -4.41
N ARG A 524 -32.71 10.90 -4.33
CA ARG A 524 -32.18 12.25 -4.37
C ARG A 524 -31.16 12.41 -5.49
N ALA A 525 -31.61 12.09 -6.70
CA ALA A 525 -30.71 12.00 -7.85
C ALA A 525 -30.00 13.32 -8.10
N GLN A 526 -30.71 14.45 -7.95
CA GLN A 526 -30.09 15.74 -8.21
C GLN A 526 -28.96 16.02 -7.22
N ALA A 527 -29.21 15.77 -5.93
CA ALA A 527 -28.18 16.03 -4.93
C ALA A 527 -27.03 15.04 -5.05
N CYS A 528 -27.34 13.76 -5.25
CA CYS A 528 -26.30 12.75 -5.26
C CYS A 528 -25.43 12.83 -6.51
N ALA A 529 -25.91 13.46 -7.58
CA ALA A 529 -25.03 13.76 -8.71
C ALA A 529 -23.92 14.70 -8.29
N PHE A 530 -24.22 15.66 -7.41
CA PHE A 530 -23.18 16.54 -6.89
C PHE A 530 -22.17 15.75 -6.08
N TRP A 531 -22.65 14.92 -5.14
CA TRP A 531 -21.74 14.20 -4.25
C TRP A 531 -20.99 13.09 -4.97
N ASN A 532 -21.65 12.39 -5.89
CA ASN A 532 -21.05 11.20 -6.50
C ASN A 532 -20.34 11.47 -7.82
N ARG A 533 -20.72 12.51 -8.55
CA ARG A 533 -20.14 12.76 -9.87
C ARG A 533 -19.25 13.99 -9.91
N PHE A 534 -19.68 15.12 -9.34
CA PHE A 534 -18.90 16.34 -9.49
C PHE A 534 -17.86 16.53 -8.40
N LEU A 535 -18.28 16.45 -7.13
CA LEU A 535 -17.37 16.76 -6.02
C LEU A 535 -16.08 15.95 -6.04
N PRO A 536 -16.05 14.66 -6.41
CA PRO A 536 -14.75 13.99 -6.57
C PRO A 536 -13.84 14.67 -7.59
N LYS A 537 -14.41 15.17 -8.69
CA LYS A 537 -13.59 15.87 -9.68
C LYS A 537 -13.03 17.16 -9.10
N LEU A 538 -13.78 17.83 -8.24
CA LEU A 538 -13.30 19.06 -7.62
C LEU A 538 -12.17 18.76 -6.64
N LEU A 539 -12.28 17.66 -5.89
CA LEU A 539 -11.27 17.30 -4.91
C LEU A 539 -9.99 16.76 -5.55
N SER A 540 -9.95 16.61 -6.87
CA SER A 540 -8.76 16.19 -7.59
C SER A 540 -7.99 17.35 -8.20
N ALA A 541 -8.47 18.58 -8.05
CA ALA A 541 -7.78 19.75 -8.57
C ALA A 541 -8.18 21.01 -7.80
N GLU B 3 44.83 -19.29 15.14
CA GLU B 3 44.24 -18.42 14.14
C GLU B 3 45.20 -18.12 12.99
N ASP B 4 44.64 -17.71 11.86
CA ASP B 4 45.39 -17.44 10.64
C ASP B 4 45.70 -15.96 10.56
N ALA B 5 46.99 -15.62 10.51
CA ALA B 5 47.39 -14.22 10.49
C ALA B 5 46.91 -13.49 9.24
N GLU B 6 46.75 -14.22 8.13
CA GLU B 6 46.28 -13.61 6.90
C GLU B 6 44.90 -12.99 7.06
N LEU B 7 44.10 -13.48 8.00
CA LEU B 7 42.72 -13.07 8.17
C LEU B 7 42.55 -12.03 9.27
N LEU B 8 43.63 -11.51 9.82
CA LEU B 8 43.57 -10.46 10.83
C LEU B 8 44.19 -9.20 10.25
N VAL B 9 43.43 -8.12 10.23
CA VAL B 9 43.87 -6.84 9.68
C VAL B 9 43.52 -5.75 10.67
N THR B 10 44.40 -4.77 10.79
CA THR B 10 44.14 -3.57 11.59
C THR B 10 43.90 -2.41 10.63
N VAL B 11 42.70 -1.83 10.70
CA VAL B 11 42.41 -0.60 9.99
C VAL B 11 42.46 0.54 11.00
N ARG B 12 42.14 1.75 10.56
CA ARG B 12 42.27 2.90 11.45
C ARG B 12 41.31 2.82 12.63
N GLY B 13 40.13 2.20 12.44
CA GLY B 13 39.17 2.10 13.52
C GLY B 13 39.45 1.00 14.52
N GLY B 14 40.26 0.02 14.17
CA GLY B 14 40.54 -1.08 15.04
C GLY B 14 40.78 -2.36 14.25
N ARG B 15 40.69 -3.48 14.95
CA ARG B 15 41.08 -4.77 14.41
C ARG B 15 39.90 -5.50 13.78
N LEU B 16 40.20 -6.26 12.73
CA LEU B 16 39.20 -7.04 12.00
C LEU B 16 39.66 -8.48 11.87
N ARG B 17 38.69 -9.39 11.79
N ARG B 17 38.69 -9.39 11.79
CA ARG B 17 38.94 -10.80 11.50
CA ARG B 17 38.95 -10.79 11.49
C ARG B 17 38.12 -11.20 10.29
C ARG B 17 38.12 -11.19 10.28
N GLY B 18 38.79 -11.69 9.25
CA GLY B 18 38.15 -12.09 8.02
C GLY B 18 37.92 -13.59 7.95
N ILE B 19 37.67 -14.06 6.73
CA ILE B 19 37.38 -15.46 6.48
C ILE B 19 38.03 -15.86 5.15
N ARG B 20 38.50 -17.10 5.10
CA ARG B 20 39.09 -17.66 3.88
C ARG B 20 37.99 -18.35 3.09
N LEU B 21 37.90 -18.05 1.80
CA LEU B 21 36.89 -18.65 0.93
C LEU B 21 37.56 -19.43 -0.20
N LYS B 22 36.81 -20.41 -0.71
CA LYS B 22 37.28 -21.27 -1.79
C LYS B 22 36.74 -20.79 -3.13
N THR B 23 37.59 -20.85 -4.14
CA THR B 23 37.22 -20.70 -5.54
C THR B 23 37.83 -21.89 -6.29
N PRO B 24 37.35 -22.20 -7.49
CA PRO B 24 37.95 -23.31 -8.24
C PRO B 24 39.41 -23.10 -8.57
N GLY B 25 39.90 -21.86 -8.54
CA GLY B 25 41.29 -21.56 -8.78
C GLY B 25 42.13 -21.35 -7.53
N GLY B 26 41.57 -21.56 -6.35
CA GLY B 26 42.33 -21.39 -5.12
C GLY B 26 41.64 -20.47 -4.14
N PRO B 27 42.27 -20.26 -2.99
CA PRO B 27 41.63 -19.51 -1.91
C PRO B 27 41.74 -18.00 -2.11
N VAL B 28 40.89 -17.29 -1.36
CA VAL B 28 40.84 -15.83 -1.36
C VAL B 28 40.49 -15.38 0.05
N SER B 29 41.01 -14.22 0.45
CA SER B 29 40.68 -13.63 1.74
C SER B 29 39.52 -12.66 1.57
N ALA B 30 38.53 -12.76 2.46
CA ALA B 30 37.37 -11.89 2.43
C ALA B 30 37.15 -11.27 3.81
N PHE B 31 36.78 -9.99 3.81
CA PHE B 31 36.47 -9.26 5.03
C PHE B 31 35.12 -8.58 4.78
N LEU B 32 34.06 -9.18 5.31
CA LEU B 32 32.68 -8.82 5.00
C LEU B 32 32.07 -8.08 6.17
N GLY B 33 31.27 -7.06 5.87
CA GLY B 33 30.59 -6.33 6.92
C GLY B 33 31.48 -5.45 7.77
N ILE B 34 32.44 -4.76 7.14
CA ILE B 34 33.27 -3.79 7.84
C ILE B 34 32.47 -2.50 8.02
N PRO B 35 32.24 -2.04 9.25
CA PRO B 35 31.52 -0.77 9.43
C PRO B 35 32.40 0.40 9.02
N PHE B 36 31.88 1.24 8.13
CA PHE B 36 32.58 2.45 7.73
C PHE B 36 31.88 3.73 8.15
N ALA B 37 30.66 3.63 8.69
CA ALA B 37 29.95 4.81 9.18
C ALA B 37 29.21 4.46 10.46
N GLU B 38 28.96 5.48 11.27
CA GLU B 38 28.05 5.29 12.39
C GLU B 38 26.65 4.97 11.86
N PRO B 39 25.91 4.11 12.54
CA PRO B 39 24.59 3.70 12.04
C PRO B 39 23.66 4.90 11.91
N PRO B 40 23.12 5.14 10.70
CA PRO B 40 22.26 6.31 10.47
C PRO B 40 20.84 6.10 10.98
N MET B 41 20.72 5.95 12.30
CA MET B 41 19.46 5.61 12.93
C MET B 41 18.91 6.78 13.74
N GLY B 42 17.63 6.69 14.07
CA GLY B 42 16.96 7.65 14.91
C GLY B 42 17.12 9.07 14.40
N PRO B 43 17.76 9.92 15.20
CA PRO B 43 17.99 11.32 14.75
C PRO B 43 18.94 11.43 13.57
N ARG B 44 19.66 10.36 13.23
CA ARG B 44 20.61 10.40 12.12
C ARG B 44 20.00 10.04 10.78
N ARG B 45 18.74 9.63 10.75
CA ARG B 45 18.11 9.31 9.47
C ARG B 45 17.94 10.58 8.64
N PHE B 46 18.24 10.47 7.34
CA PHE B 46 18.25 11.52 6.32
C PHE B 46 19.48 12.41 6.43
N LEU B 47 20.37 12.19 7.40
CA LEU B 47 21.54 13.03 7.56
C LEU B 47 22.74 12.43 6.84
N PRO B 48 23.72 13.26 6.48
CA PRO B 48 24.94 12.72 5.88
C PRO B 48 25.61 11.75 6.83
N PRO B 49 26.33 10.77 6.30
CA PRO B 49 26.96 9.78 7.18
C PRO B 49 28.08 10.37 8.01
N GLU B 50 28.25 9.83 9.20
CA GLU B 50 29.39 10.20 10.02
C GLU B 50 30.39 9.05 10.08
N PRO B 51 31.68 9.35 10.11
CA PRO B 51 32.68 8.27 10.15
C PRO B 51 32.50 7.37 11.35
N LYS B 52 32.72 6.08 11.14
CA LYS B 52 32.63 5.11 12.24
C LYS B 52 33.66 5.44 13.31
N GLN B 53 33.20 5.51 14.56
CA GLN B 53 34.11 5.76 15.67
CA GLN B 53 34.11 5.76 15.65
C GLN B 53 34.96 4.52 15.93
N PRO B 54 36.20 4.70 16.40
CA PRO B 54 37.06 3.55 16.66
C PRO B 54 36.44 2.60 17.68
N TRP B 55 36.80 1.32 17.56
CA TRP B 55 36.28 0.28 18.43
C TRP B 55 37.44 -0.47 19.08
N SER B 56 37.18 -1.03 20.24
CA SER B 56 38.11 -1.96 20.88
C SER B 56 37.68 -3.39 20.57
N GLY B 57 38.62 -4.32 20.73
CA GLY B 57 38.36 -5.69 20.38
C GLY B 57 38.47 -5.91 18.88
N VAL B 58 37.96 -7.06 18.45
CA VAL B 58 38.08 -7.51 17.07
C VAL B 58 36.68 -7.57 16.47
N VAL B 59 36.42 -6.72 15.48
CA VAL B 59 35.16 -6.80 14.74
C VAL B 59 35.17 -8.08 13.90
N ASP B 60 34.08 -8.82 13.96
CA ASP B 60 33.92 -10.04 13.17
C ASP B 60 33.52 -9.66 11.76
N ALA B 61 34.43 -9.87 10.81
CA ALA B 61 34.15 -9.56 9.42
C ALA B 61 34.11 -10.82 8.57
N THR B 62 33.32 -11.81 8.99
CA THR B 62 33.25 -13.10 8.31
C THR B 62 31.93 -13.33 7.58
N THR B 63 30.99 -12.39 7.66
CA THR B 63 29.70 -12.58 7.01
C THR B 63 29.14 -11.24 6.59
N PHE B 64 28.32 -11.25 5.54
CA PHE B 64 27.68 -10.03 5.07
C PHE B 64 26.77 -9.46 6.16
N GLN B 65 26.69 -8.14 6.21
CA GLN B 65 25.80 -7.51 7.17
C GLN B 65 24.51 -7.08 6.48
N SER B 66 23.66 -6.41 7.25
CA SER B 66 22.27 -6.18 6.86
C SER B 66 22.17 -5.36 5.57
N VAL B 67 21.06 -5.53 4.88
CA VAL B 67 20.74 -4.80 3.67
C VAL B 67 19.98 -3.54 4.05
N CYS B 68 20.33 -2.41 3.42
CA CYS B 68 19.59 -1.18 3.69
C CYS B 68 18.12 -1.35 3.32
N TYR B 69 17.26 -0.66 4.07
CA TYR B 69 15.82 -0.78 3.92
C TYR B 69 15.38 -0.45 2.51
N GLN B 70 14.61 -1.35 1.91
CA GLN B 70 14.22 -1.16 0.52
C GLN B 70 12.98 -1.98 0.22
N TYR B 71 12.27 -1.55 -0.84
CA TYR B 71 11.18 -2.33 -1.40
C TYR B 71 11.67 -3.69 -1.86
N VAL B 72 10.84 -4.72 -1.65
CA VAL B 72 11.13 -6.07 -2.10
C VAL B 72 10.16 -6.41 -3.21
N ASP B 73 10.69 -6.76 -4.39
CA ASP B 73 9.86 -7.03 -5.55
C ASP B 73 9.06 -8.31 -5.35
N THR B 74 7.75 -8.25 -5.66
CA THR B 74 6.86 -9.40 -5.51
C THR B 74 6.10 -9.69 -6.80
N LEU B 75 6.62 -9.24 -7.95
CA LEU B 75 5.90 -9.39 -9.20
C LEU B 75 5.75 -10.87 -9.58
N TYR B 76 6.85 -11.61 -9.53
CA TYR B 76 6.85 -13.04 -9.83
C TYR B 76 7.47 -13.78 -8.65
N PRO B 77 6.68 -14.04 -7.61
CA PRO B 77 7.23 -14.67 -6.39
C PRO B 77 7.87 -16.02 -6.68
N GLY B 78 9.08 -16.20 -6.17
CA GLY B 78 9.83 -17.42 -6.37
C GLY B 78 10.58 -17.51 -7.69
N PHE B 79 10.39 -16.55 -8.59
CA PHE B 79 11.02 -16.59 -9.90
C PHE B 79 12.47 -16.12 -9.80
N GLU B 80 13.38 -16.93 -10.35
CA GLU B 80 14.81 -16.66 -10.21
C GLU B 80 15.20 -15.32 -10.83
N GLY B 81 14.53 -14.93 -11.92
CA GLY B 81 14.91 -13.69 -12.60
C GLY B 81 14.72 -12.45 -11.75
N THR B 82 13.78 -12.48 -10.82
CA THR B 82 13.56 -11.36 -9.92
C THR B 82 14.17 -11.57 -8.54
N GLU B 83 14.20 -12.80 -8.04
CA GLU B 83 14.69 -13.05 -6.69
C GLU B 83 16.19 -12.83 -6.58
N MET B 84 16.94 -13.00 -7.68
CA MET B 84 18.38 -12.81 -7.62
C MET B 84 18.75 -11.37 -7.29
N TRP B 85 17.81 -10.43 -7.42
CA TRP B 85 18.05 -9.03 -7.09
C TRP B 85 17.46 -8.61 -5.76
N ASN B 86 16.69 -9.48 -5.11
CA ASN B 86 16.04 -9.14 -3.85
C ASN B 86 17.02 -9.28 -2.68
N PRO B 87 16.77 -8.57 -1.58
CA PRO B 87 17.66 -8.67 -0.42
C PRO B 87 17.81 -10.10 0.06
N ASN B 88 19.05 -10.51 0.29
CA ASN B 88 19.36 -11.84 0.81
C ASN B 88 19.88 -11.80 2.24
N ARG B 89 19.76 -10.64 2.91
CA ARG B 89 19.98 -10.50 4.34
C ARG B 89 18.83 -9.68 4.89
N GLU B 90 18.68 -9.70 6.22
CA GLU B 90 17.61 -8.93 6.84
C GLU B 90 17.82 -7.44 6.60
N LEU B 91 16.71 -6.71 6.47
CA LEU B 91 16.78 -5.28 6.25
C LEU B 91 16.99 -4.54 7.55
N SER B 92 17.77 -3.46 7.49
CA SER B 92 18.04 -2.63 8.66
C SER B 92 18.50 -1.27 8.16
N GLU B 93 18.22 -0.25 8.98
CA GLU B 93 18.81 1.06 8.71
C GLU B 93 20.28 1.09 9.09
N ASP B 94 20.71 0.23 10.01
CA ASP B 94 22.12 0.06 10.34
C ASP B 94 22.70 -0.83 9.26
N CYS B 95 23.08 -0.21 8.14
CA CYS B 95 23.48 -1.00 6.99
C CYS B 95 24.75 -0.49 6.32
N LEU B 96 25.41 0.52 6.88
CA LEU B 96 26.56 1.16 6.24
C LEU B 96 27.80 0.33 6.53
N TYR B 97 27.94 -0.76 5.77
CA TYR B 97 29.08 -1.65 5.85
C TYR B 97 29.63 -1.86 4.45
N LEU B 98 30.91 -2.25 4.38
CA LEU B 98 31.56 -2.54 3.12
C LEU B 98 32.34 -3.84 3.22
N ASN B 99 32.79 -4.34 2.07
CA ASN B 99 33.42 -5.65 1.97
C ASN B 99 34.70 -5.54 1.15
N VAL B 100 35.71 -6.32 1.54
CA VAL B 100 37.00 -6.34 0.86
C VAL B 100 37.37 -7.78 0.56
N TRP B 101 37.63 -8.08 -0.72
CA TRP B 101 38.23 -9.34 -1.15
C TRP B 101 39.64 -9.07 -1.62
N THR B 102 40.58 -9.92 -1.20
CA THR B 102 41.97 -9.85 -1.62
C THR B 102 42.47 -11.26 -1.89
N PRO B 103 43.56 -11.41 -2.64
CA PRO B 103 44.17 -12.74 -2.80
C PRO B 103 44.61 -13.31 -1.46
N TYR B 104 44.72 -14.64 -1.43
CA TYR B 104 45.25 -15.35 -0.28
C TYR B 104 46.55 -16.04 -0.68
N PRO B 105 47.68 -15.76 -0.02
CA PRO B 105 47.79 -14.82 1.11
C PRO B 105 47.67 -13.38 0.66
N ARG B 106 47.38 -12.48 1.59
CA ARG B 106 47.17 -11.08 1.24
C ARG B 106 48.38 -10.55 0.45
N PRO B 107 48.16 -9.72 -0.56
CA PRO B 107 49.29 -9.20 -1.33
C PRO B 107 50.23 -8.38 -0.46
N THR B 108 51.52 -8.48 -0.75
CA THR B 108 52.53 -7.69 -0.06
C THR B 108 53.00 -6.50 -0.88
N SER B 109 52.67 -6.45 -2.17
CA SER B 109 52.86 -5.31 -3.05
C SER B 109 51.53 -4.65 -3.36
N PRO B 110 51.49 -3.33 -3.49
CA PRO B 110 50.24 -2.64 -3.80
C PRO B 110 49.57 -3.20 -5.06
N THR B 111 48.32 -3.59 -4.90
CA THR B 111 47.47 -4.26 -5.87
C THR B 111 46.35 -3.31 -6.33
N PRO B 112 46.06 -3.25 -7.63
CA PRO B 112 44.99 -2.37 -8.10
C PRO B 112 43.66 -2.72 -7.44
N VAL B 113 42.85 -1.68 -7.23
CA VAL B 113 41.61 -1.79 -6.46
C VAL B 113 40.43 -1.54 -7.39
N LEU B 114 39.44 -2.42 -7.32
CA LEU B 114 38.15 -2.23 -7.97
C LEU B 114 37.11 -1.95 -6.89
N VAL B 115 36.30 -0.92 -7.10
CA VAL B 115 35.24 -0.55 -6.17
C VAL B 115 33.91 -0.66 -6.89
N TRP B 116 33.04 -1.55 -6.42
CA TRP B 116 31.76 -1.83 -7.05
C TRP B 116 30.65 -1.05 -6.36
N ILE B 117 29.81 -0.39 -7.16
CA ILE B 117 28.63 0.32 -6.67
C ILE B 117 27.42 -0.33 -7.33
N TYR B 118 26.57 -0.97 -6.53
CA TYR B 118 25.45 -1.71 -7.10
C TYR B 118 24.37 -0.76 -7.62
N GLY B 119 23.59 -1.26 -8.58
CA GLY B 119 22.43 -0.57 -9.07
C GLY B 119 21.17 -0.98 -8.35
N GLY B 120 20.04 -0.57 -8.90
CA GLY B 120 18.75 -0.83 -8.29
C GLY B 120 17.85 0.39 -8.24
N GLY B 121 18.01 1.28 -9.22
CA GLY B 121 17.15 2.44 -9.34
C GLY B 121 17.21 3.43 -8.20
N PHE B 122 18.27 3.38 -7.39
CA PHE B 122 18.43 4.17 -6.18
C PHE B 122 17.38 3.85 -5.13
N TYR B 123 16.59 2.80 -5.32
CA TYR B 123 15.59 2.38 -4.33
C TYR B 123 15.86 0.98 -3.79
N SER B 124 16.85 0.26 -4.32
CA SER B 124 17.08 -1.12 -3.93
C SER B 124 18.53 -1.48 -4.22
N GLY B 125 18.91 -2.70 -3.86
CA GLY B 125 20.25 -3.18 -4.09
C GLY B 125 21.00 -3.50 -2.81
N ALA B 126 22.03 -4.34 -2.92
CA ALA B 126 22.82 -4.74 -1.77
C ALA B 126 24.14 -5.30 -2.28
N SER B 127 25.21 -5.05 -1.51
CA SER B 127 26.52 -5.58 -1.86
C SER B 127 26.65 -7.07 -1.59
N SER B 128 25.65 -7.69 -0.94
CA SER B 128 25.72 -9.07 -0.54
C SER B 128 25.09 -10.03 -1.54
N LEU B 129 24.52 -9.53 -2.64
CA LEU B 129 23.87 -10.41 -3.59
C LEU B 129 24.88 -11.37 -4.22
N ASP B 130 24.43 -12.60 -4.50
CA ASP B 130 25.31 -13.63 -5.02
C ASP B 130 26.02 -13.20 -6.29
N VAL B 131 25.32 -12.43 -7.14
CA VAL B 131 25.88 -12.04 -8.43
C VAL B 131 27.01 -11.02 -8.30
N TYR B 132 27.18 -10.41 -7.12
CA TYR B 132 28.27 -9.48 -6.87
C TYR B 132 29.41 -10.10 -6.07
N ASP B 133 29.49 -11.42 -6.01
CA ASP B 133 30.54 -12.10 -5.26
C ASP B 133 31.90 -11.81 -5.88
N GLY B 134 32.77 -11.14 -5.15
CA GLY B 134 34.05 -10.72 -5.68
C GLY B 134 35.14 -11.77 -5.70
N ARG B 135 34.87 -12.99 -5.24
CA ARG B 135 35.93 -13.97 -5.05
C ARG B 135 36.59 -14.40 -6.35
N PHE B 136 35.82 -14.47 -7.45
CA PHE B 136 36.36 -14.96 -8.70
C PHE B 136 37.24 -13.93 -9.38
N LEU B 137 36.83 -12.68 -9.37
CA LEU B 137 37.63 -11.66 -9.95
C LEU B 137 38.96 -11.53 -9.23
N VAL B 138 38.94 -11.62 -7.92
CA VAL B 138 40.15 -11.41 -7.14
C VAL B 138 41.15 -12.53 -7.37
N GLN B 139 40.68 -13.78 -7.39
CA GLN B 139 41.59 -14.91 -7.64
C GLN B 139 42.11 -14.88 -9.07
N ALA B 140 41.23 -14.67 -10.04
CA ALA B 140 41.63 -14.80 -11.44
C ALA B 140 42.55 -13.67 -11.86
N GLU B 141 42.25 -12.44 -11.44
CA GLU B 141 42.95 -11.27 -11.97
C GLU B 141 43.79 -10.53 -10.93
N ARG B 142 43.88 -11.05 -9.71
CA ARG B 142 44.80 -10.54 -8.69
C ARG B 142 44.58 -9.04 -8.44
N THR B 143 43.34 -8.71 -8.11
CA THR B 143 42.98 -7.37 -7.70
C THR B 143 42.39 -7.40 -6.30
N VAL B 144 42.33 -6.23 -5.68
CA VAL B 144 41.54 -6.05 -4.47
C VAL B 144 40.17 -5.52 -4.90
N LEU B 145 39.11 -6.13 -4.42
CA LEU B 145 37.76 -5.71 -4.77
C LEU B 145 37.04 -5.23 -3.52
N VAL B 146 36.46 -4.03 -3.61
CA VAL B 146 35.70 -3.43 -2.53
C VAL B 146 34.28 -3.19 -3.00
N SER B 147 33.31 -3.50 -2.13
CA SER B 147 31.91 -3.19 -2.35
C SER B 147 31.36 -2.58 -1.08
N MET B 148 30.42 -1.64 -1.23
CA MET B 148 29.81 -1.00 -0.08
C MET B 148 28.30 -0.97 -0.25
N ASN B 149 27.60 -0.97 0.88
CA ASN B 149 26.18 -0.66 0.89
C ASN B 149 26.00 0.83 1.11
N TYR B 150 24.99 1.39 0.44
CA TYR B 150 24.65 2.79 0.59
C TYR B 150 23.14 2.90 0.69
N ARG B 151 22.68 3.92 1.42
CA ARG B 151 21.26 4.07 1.67
C ARG B 151 20.51 4.33 0.38
N VAL B 152 19.37 3.65 0.22
CA VAL B 152 18.54 3.78 -0.97
C VAL B 152 17.16 4.27 -0.55
N GLY B 153 16.34 4.60 -1.55
CA GLY B 153 14.99 5.08 -1.28
C GLY B 153 15.01 6.42 -0.56
N ALA B 154 13.94 6.66 0.21
CA ALA B 154 13.84 7.89 0.98
C ALA B 154 14.98 8.01 1.97
N PHE B 155 15.45 6.89 2.52
CA PHE B 155 16.55 6.94 3.48
C PHE B 155 17.82 7.51 2.86
N GLY B 156 18.02 7.31 1.56
CA GLY B 156 19.22 7.79 0.92
C GLY B 156 19.04 9.07 0.13
N PHE B 157 17.82 9.35 -0.35
CA PHE B 157 17.67 10.44 -1.30
C PHE B 157 16.41 11.28 -1.10
N LEU B 158 15.74 11.19 0.05
CA LEU B 158 14.70 12.16 0.37
C LEU B 158 15.35 13.52 0.60
N ALA B 159 14.82 14.55 -0.04
CA ALA B 159 15.42 15.88 0.01
C ALA B 159 14.35 16.94 0.22
N LEU B 160 14.53 17.73 1.27
CA LEU B 160 13.87 19.03 1.40
C LEU B 160 14.95 20.06 1.12
N PRO B 161 15.15 20.47 -0.13
CA PRO B 161 16.35 21.23 -0.48
C PRO B 161 16.43 22.54 0.28
N GLY B 162 17.64 22.84 0.78
CA GLY B 162 17.85 23.99 1.64
C GLY B 162 17.79 23.69 3.11
N SER B 163 17.20 22.55 3.50
CA SER B 163 17.11 22.17 4.90
C SER B 163 18.38 21.44 5.33
N ARG B 164 18.69 21.56 6.62
CA ARG B 164 19.80 20.82 7.19
C ARG B 164 19.37 19.48 7.79
N GLU B 165 18.06 19.23 7.87
CA GLU B 165 17.52 17.99 8.41
CA GLU B 165 17.59 17.96 8.41
C GLU B 165 17.32 16.93 7.33
N ALA B 166 17.11 17.35 6.08
CA ALA B 166 16.94 16.43 4.95
C ALA B 166 17.60 17.04 3.73
N PRO B 167 18.94 17.13 3.73
CA PRO B 167 19.62 17.86 2.64
C PRO B 167 19.59 17.14 1.30
N GLY B 168 19.49 15.81 1.30
CA GLY B 168 19.49 15.05 0.07
C GLY B 168 20.87 14.52 -0.29
N ASN B 169 20.87 13.54 -1.18
CA ASN B 169 22.08 12.93 -1.75
C ASN B 169 22.93 12.20 -0.72
N VAL B 170 22.38 11.89 0.46
CA VAL B 170 23.20 11.28 1.51
C VAL B 170 23.62 9.87 1.12
N GLY B 171 22.82 9.17 0.31
CA GLY B 171 23.26 7.89 -0.22
C GLY B 171 24.51 8.03 -1.06
N LEU B 172 24.61 9.10 -1.84
CA LEU B 172 25.84 9.39 -2.56
C LEU B 172 26.98 9.69 -1.61
N LEU B 173 26.69 10.39 -0.50
CA LEU B 173 27.72 10.65 0.49
C LEU B 173 28.14 9.37 1.21
N ASP B 174 27.23 8.41 1.37
CA ASP B 174 27.62 7.10 1.86
C ASP B 174 28.68 6.48 0.96
N GLN B 175 28.45 6.54 -0.36
CA GLN B 175 29.44 6.02 -1.31
C GLN B 175 30.77 6.76 -1.18
N ARG B 176 30.73 8.08 -1.07
CA ARG B 176 31.97 8.85 -0.98
C ARG B 176 32.72 8.54 0.30
N LEU B 177 32.00 8.34 1.41
CA LEU B 177 32.65 7.97 2.67
C LEU B 177 33.36 6.64 2.53
N ALA B 178 32.74 5.67 1.86
CA ALA B 178 33.41 4.40 1.60
C ALA B 178 34.65 4.60 0.73
N LEU B 179 34.57 5.52 -0.24
CA LEU B 179 35.73 5.81 -1.07
C LEU B 179 36.85 6.46 -0.26
N GLN B 180 36.50 7.32 0.69
CA GLN B 180 37.50 7.87 1.59
C GLN B 180 38.07 6.78 2.49
N TRP B 181 37.22 5.86 2.96
CA TRP B 181 37.71 4.71 3.72
C TRP B 181 38.70 3.90 2.90
N VAL B 182 38.42 3.74 1.61
CA VAL B 182 39.34 3.03 0.72
C VAL B 182 40.71 3.71 0.71
N GLN B 183 40.72 5.04 0.55
CA GLN B 183 41.98 5.77 0.52
C GLN B 183 42.77 5.56 1.81
N GLU B 184 42.10 5.54 2.95
CA GLU B 184 42.79 5.50 4.23
C GLU B 184 43.16 4.10 4.68
N ASN B 185 42.47 3.06 4.20
CA ASN B 185 42.64 1.73 4.79
C ASN B 185 42.95 0.60 3.82
N VAL B 186 42.83 0.81 2.50
CA VAL B 186 42.92 -0.33 1.59
C VAL B 186 44.34 -0.91 1.55
N ALA B 187 45.36 -0.09 1.84
CA ALA B 187 46.73 -0.59 1.82
C ALA B 187 46.95 -1.63 2.92
N ALA B 188 46.20 -1.54 4.02
CA ALA B 188 46.28 -2.57 5.05
C ALA B 188 45.87 -3.94 4.53
N PHE B 189 45.14 -3.99 3.42
CA PHE B 189 44.74 -5.23 2.77
C PHE B 189 45.62 -5.60 1.59
N GLY B 190 46.62 -4.77 1.26
CA GLY B 190 47.44 -4.98 0.09
C GLY B 190 47.01 -4.19 -1.13
N GLY B 191 45.91 -3.44 -1.05
CA GLY B 191 45.48 -2.65 -2.18
C GLY B 191 46.24 -1.36 -2.33
N ASP B 192 46.25 -0.85 -3.57
CA ASP B 192 46.96 0.37 -3.91
C ASP B 192 45.98 1.52 -3.98
N PRO B 193 45.97 2.43 -3.00
CA PRO B 193 45.01 3.55 -3.05
C PRO B 193 45.25 4.51 -4.20
N THR B 194 46.39 4.43 -4.88
CA THR B 194 46.68 5.28 -6.02
C THR B 194 46.21 4.68 -7.34
N SER B 195 45.55 3.50 -7.30
CA SER B 195 45.00 2.86 -8.52
C SER B 195 43.63 2.31 -8.15
N VAL B 196 42.65 3.21 -8.10
CA VAL B 196 41.27 2.88 -7.75
C VAL B 196 40.42 3.03 -9.00
N THR B 197 39.72 1.95 -9.36
CA THR B 197 38.79 1.98 -10.49
C THR B 197 37.37 1.76 -9.97
N LEU B 198 36.51 2.75 -10.20
CA LEU B 198 35.10 2.62 -9.88
C LEU B 198 34.37 1.89 -11.00
N PHE B 199 33.52 0.95 -10.65
CA PHE B 199 32.60 0.40 -11.62
C PHE B 199 31.26 0.09 -10.97
N GLY B 200 30.20 0.25 -11.77
CA GLY B 200 28.85 0.07 -11.31
C GLY B 200 27.94 -0.12 -12.49
N GLU B 201 26.73 -0.59 -12.21
CA GLU B 201 25.76 -0.89 -13.25
C GLU B 201 24.44 -0.21 -12.92
N SER B 202 23.77 0.31 -13.96
CA SER B 202 22.47 0.98 -13.85
C SER B 202 22.63 2.16 -12.90
N ALA B 203 21.90 2.21 -11.78
CA ALA B 203 22.05 3.33 -10.84
C ALA B 203 23.46 3.37 -10.26
N GLY B 204 24.14 2.23 -10.20
CA GLY B 204 25.54 2.24 -9.80
C GLY B 204 26.42 2.94 -10.82
N ALA B 205 26.14 2.73 -12.10
CA ALA B 205 26.85 3.47 -13.14
C ALA B 205 26.52 4.96 -13.08
N ALA B 206 25.25 5.29 -12.86
CA ALA B 206 24.87 6.69 -12.67
C ALA B 206 25.61 7.29 -11.48
N SER B 207 25.77 6.50 -10.41
CA SER B 207 26.53 6.96 -9.25
C SER B 207 27.98 7.22 -9.64
N VAL B 208 28.59 6.30 -10.38
CA VAL B 208 29.99 6.46 -10.81
C VAL B 208 30.15 7.76 -11.58
N GLY B 209 29.21 8.04 -12.49
CA GLY B 209 29.28 9.27 -13.26
C GLY B 209 29.15 10.51 -12.37
N MET B 210 28.32 10.43 -11.33
CA MET B 210 28.16 11.59 -10.45
C MET B 210 29.40 11.84 -9.61
N HIS B 211 30.15 10.79 -9.26
CA HIS B 211 31.44 11.01 -8.62
C HIS B 211 32.45 11.60 -9.59
N LEU B 212 32.34 11.26 -10.88
CA LEU B 212 33.18 11.91 -11.89
C LEU B 212 32.89 13.40 -11.98
N LEU B 213 31.64 13.80 -11.71
CA LEU B 213 31.21 15.18 -11.88
C LEU B 213 31.23 15.98 -10.59
N SER B 214 31.69 15.39 -9.48
CA SER B 214 31.73 16.06 -8.19
C SER B 214 33.17 16.15 -7.72
N PRO B 215 33.76 17.34 -7.63
CA PRO B 215 35.19 17.47 -7.34
C PRO B 215 35.60 16.80 -6.04
N PRO B 216 34.82 16.89 -4.95
CA PRO B 216 35.23 16.18 -3.72
C PRO B 216 35.35 14.67 -3.88
N SER B 217 34.68 14.07 -4.87
CA SER B 217 34.83 12.64 -5.13
C SER B 217 35.94 12.34 -6.11
N ARG B 218 36.27 13.28 -6.99
CA ARG B 218 37.17 12.99 -8.11
C ARG B 218 38.57 12.60 -7.63
N GLY B 219 39.01 13.12 -6.50
CA GLY B 219 40.31 12.77 -5.97
C GLY B 219 40.40 11.42 -5.28
N LEU B 220 39.32 10.64 -5.25
CA LEU B 220 39.31 9.38 -4.54
C LEU B 220 39.34 8.16 -5.46
N PHE B 221 39.47 8.37 -6.76
CA PHE B 221 39.59 7.26 -7.70
C PHE B 221 40.24 7.79 -8.98
N HIS B 222 40.54 6.87 -9.90
CA HIS B 222 41.38 7.22 -11.04
C HIS B 222 40.77 6.80 -12.37
N ARG B 223 39.96 5.75 -12.37
CA ARG B 223 39.31 5.28 -13.59
C ARG B 223 37.88 4.90 -13.26
N ALA B 224 37.06 4.77 -14.31
CA ALA B 224 35.63 4.54 -14.11
C ALA B 224 35.09 3.60 -15.17
N VAL B 225 34.15 2.75 -14.77
CA VAL B 225 33.41 1.88 -15.67
C VAL B 225 31.93 2.08 -15.40
N LEU B 226 31.17 2.41 -16.44
CA LEU B 226 29.74 2.65 -16.31
C LEU B 226 29.02 1.66 -17.21
N GLN B 227 28.36 0.69 -16.59
CA GLN B 227 27.66 -0.39 -17.30
C GLN B 227 26.16 -0.09 -17.28
N SER B 228 25.58 0.11 -18.47
CA SER B 228 24.14 0.24 -18.64
C SER B 228 23.57 1.34 -17.73
N GLY B 229 24.25 2.48 -17.72
CA GLY B 229 23.80 3.60 -16.90
C GLY B 229 24.66 4.83 -17.05
N ALA B 230 24.09 6.00 -16.79
CA ALA B 230 24.80 7.26 -16.93
C ALA B 230 24.16 8.29 -16.03
N PRO B 231 24.92 9.25 -15.50
CA PRO B 231 24.32 10.26 -14.62
C PRO B 231 23.36 11.19 -15.32
N ASN B 232 23.41 11.27 -16.65
CA ASN B 232 22.54 12.15 -17.43
C ASN B 232 21.25 11.47 -17.88
N GLY B 233 20.98 10.26 -17.41
CA GLY B 233 19.73 9.59 -17.73
C GLY B 233 18.55 10.39 -17.21
N PRO B 234 17.40 10.28 -17.90
CA PRO B 234 16.21 11.03 -17.46
C PRO B 234 15.66 10.58 -16.13
N TRP B 235 16.15 9.47 -15.58
CA TRP B 235 15.66 8.92 -14.32
C TRP B 235 16.63 9.13 -13.17
N ALA B 236 17.87 9.56 -13.44
CA ALA B 236 18.93 9.51 -12.45
C ALA B 236 18.96 10.72 -11.52
N THR B 237 18.40 11.85 -11.93
CA THR B 237 18.38 13.03 -11.09
C THR B 237 16.99 13.66 -11.08
N VAL B 238 16.78 14.52 -10.09
CA VAL B 238 15.52 15.24 -9.92
C VAL B 238 15.86 16.68 -9.56
N GLY B 239 15.00 17.61 -9.98
CA GLY B 239 15.14 18.99 -9.60
C GLY B 239 14.71 19.24 -8.17
N MET B 240 15.09 20.41 -7.65
CA MET B 240 14.78 20.74 -6.26
C MET B 240 13.29 20.83 -6.02
N GLY B 241 12.56 21.46 -6.94
CA GLY B 241 11.12 21.60 -6.76
C GLY B 241 10.40 20.28 -6.72
N GLU B 242 10.73 19.38 -7.64
CA GLU B 242 10.08 18.08 -7.67
C GLU B 242 10.52 17.22 -6.48
N ALA B 243 11.77 17.35 -6.06
CA ALA B 243 12.23 16.62 -4.87
C ALA B 243 11.45 17.06 -3.63
N ARG B 244 11.24 18.37 -3.47
CA ARG B 244 10.47 18.85 -2.34
C ARG B 244 9.03 18.36 -2.39
N ARG B 245 8.44 18.34 -3.59
CA ARG B 245 7.07 17.86 -3.71
C ARG B 245 6.97 16.39 -3.34
N ARG B 246 7.92 15.58 -3.80
CA ARG B 246 7.89 14.15 -3.50
C ARG B 246 8.08 13.89 -2.01
N ALA B 247 9.00 14.63 -1.38
CA ALA B 247 9.21 14.47 0.06
C ALA B 247 7.97 14.90 0.84
N THR B 248 7.33 15.99 0.41
CA THR B 248 6.12 16.45 1.09
C THR B 248 4.97 15.47 0.89
N GLN B 249 4.86 14.89 -0.31
CA GLN B 249 3.82 13.91 -0.56
C GLN B 249 4.01 12.65 0.29
N LEU B 250 5.27 12.23 0.48
CA LEU B 250 5.54 11.07 1.32
C LEU B 250 5.10 11.33 2.76
N ALA B 251 5.40 12.52 3.28
CA ALA B 251 5.00 12.86 4.64
C ALA B 251 3.48 12.76 4.81
N HIS B 252 2.73 13.32 3.86
CA HIS B 252 1.28 13.26 3.94
C HIS B 252 0.77 11.82 3.90
N LEU B 253 1.40 10.98 3.07
CA LEU B 253 0.93 9.61 2.92
C LEU B 253 1.16 8.77 4.18
N VAL B 254 2.08 9.17 5.05
CA VAL B 254 2.38 8.41 6.26
C VAL B 254 1.87 9.13 7.51
N GLY B 255 1.00 10.12 7.34
CA GLY B 255 0.38 10.79 8.47
C GLY B 255 1.12 11.97 9.04
N CYS B 256 2.03 12.58 8.27
CA CYS B 256 2.81 13.70 8.76
C CYS B 256 2.48 14.96 7.99
N PRO B 257 2.48 16.09 8.66
CA PRO B 257 2.79 16.14 10.08
C PRO B 257 1.52 16.45 10.84
N ASN B 264 6.97 23.92 7.74
CA ASN B 264 8.22 23.84 8.48
C ASN B 264 8.93 22.53 8.18
N ASP B 265 10.11 22.62 7.56
CA ASP B 265 10.86 21.42 7.22
C ASP B 265 11.31 20.68 8.47
N THR B 266 11.65 21.40 9.53
CA THR B 266 12.07 20.76 10.77
C THR B 266 10.96 19.87 11.34
N GLU B 267 9.74 20.40 11.40
CA GLU B 267 8.62 19.59 11.90
C GLU B 267 8.33 18.42 10.97
N LEU B 268 8.44 18.64 9.66
CA LEU B 268 8.17 17.57 8.70
C LEU B 268 9.15 16.41 8.88
N VAL B 269 10.44 16.70 8.96
CA VAL B 269 11.44 15.65 9.08
C VAL B 269 11.34 14.96 10.44
N ALA B 270 11.08 15.74 11.50
CA ALA B 270 10.95 15.15 12.83
C ALA B 270 9.84 14.11 12.87
N CYS B 271 8.70 14.42 12.25
CA CYS B 271 7.61 13.44 12.18
C CYS B 271 8.01 12.24 11.34
N LEU B 272 8.67 12.47 10.20
CA LEU B 272 9.15 11.37 9.37
C LEU B 272 10.07 10.43 10.14
N ARG B 273 10.86 10.98 11.07
CA ARG B 273 11.81 10.16 11.82
C ARG B 273 11.12 9.33 12.89
N THR B 274 9.87 9.65 13.24
CA THR B 274 9.07 8.85 14.15
C THR B 274 8.53 7.58 13.50
N ARG B 275 8.55 7.50 12.18
CA ARG B 275 7.88 6.42 11.48
C ARG B 275 8.82 5.22 11.33
N PRO B 276 8.31 4.00 11.52
CA PRO B 276 9.10 2.81 11.20
C PRO B 276 9.57 2.84 9.75
N ALA B 277 10.76 2.29 9.53
CA ALA B 277 11.38 2.33 8.20
C ALA B 277 10.49 1.67 7.15
N GLN B 278 9.82 0.56 7.52
CA GLN B 278 9.02 -0.15 6.54
C GLN B 278 7.81 0.67 6.09
N VAL B 279 7.32 1.57 6.95
CA VAL B 279 6.19 2.41 6.56
C VAL B 279 6.59 3.36 5.44
N LEU B 280 7.79 3.95 5.54
CA LEU B 280 8.27 4.80 4.44
C LEU B 280 8.40 3.99 3.15
N VAL B 281 8.93 2.76 3.26
CA VAL B 281 9.08 1.90 2.09
C VAL B 281 7.73 1.60 1.47
N ASN B 282 6.71 1.36 2.29
CA ASN B 282 5.41 0.94 1.78
C ASN B 282 4.71 2.01 0.96
N HIS B 283 5.06 3.28 1.13
CA HIS B 283 4.41 4.37 0.42
C HIS B 283 5.31 5.00 -0.64
N GLU B 284 6.48 4.40 -0.90
CA GLU B 284 7.50 5.06 -1.72
C GLU B 284 7.03 5.23 -3.17
N TRP B 285 6.51 4.16 -3.77
CA TRP B 285 6.15 4.21 -5.18
C TRP B 285 5.01 5.18 -5.47
N HIS B 286 4.26 5.59 -4.45
CA HIS B 286 3.03 6.36 -4.65
C HIS B 286 3.25 7.86 -4.70
N VAL B 287 4.50 8.34 -4.57
CA VAL B 287 4.75 9.77 -4.73
C VAL B 287 5.11 10.14 -6.16
N LEU B 288 5.28 9.16 -7.05
CA LEU B 288 5.60 9.45 -8.43
C LEU B 288 4.45 10.20 -9.09
N PRO B 289 4.73 11.21 -9.92
CA PRO B 289 3.64 12.04 -10.46
C PRO B 289 2.75 11.33 -11.46
N GLN B 290 3.26 10.32 -12.17
CA GLN B 290 2.50 9.61 -13.19
C GLN B 290 2.78 8.15 -13.30
N GLU B 291 1.93 7.38 -13.95
CA GLU B 291 2.20 5.97 -14.15
C GLU B 291 3.42 5.97 -15.05
N SER B 292 4.33 5.03 -14.85
CA SER B 292 5.58 5.02 -15.59
C SER B 292 6.32 3.72 -15.35
N VAL B 293 7.20 3.39 -16.30
CA VAL B 293 8.27 2.44 -16.08
C VAL B 293 9.58 3.23 -16.11
N PHE B 294 10.60 2.68 -15.45
CA PHE B 294 11.95 3.27 -15.41
C PHE B 294 11.93 4.67 -14.80
N ARG B 295 11.14 4.86 -13.76
CA ARG B 295 11.20 6.07 -12.96
C ARG B 295 11.11 5.69 -11.49
N PHE B 296 11.87 6.42 -10.66
CA PHE B 296 12.05 6.07 -9.26
C PHE B 296 11.89 7.32 -8.40
N SER B 297 11.33 7.13 -7.22
CA SER B 297 10.82 8.25 -6.43
C SER B 297 11.94 9.12 -5.88
N PHE B 298 12.94 8.51 -5.24
CA PHE B 298 13.96 9.25 -4.52
C PHE B 298 15.32 8.97 -5.14
N VAL B 299 15.82 9.96 -5.88
CA VAL B 299 17.05 9.87 -6.66
C VAL B 299 17.92 11.08 -6.32
N PRO B 300 19.18 11.13 -6.77
CA PRO B 300 19.99 12.33 -6.52
C PRO B 300 19.31 13.61 -6.97
N VAL B 301 19.46 14.65 -6.16
CA VAL B 301 18.86 15.95 -6.43
C VAL B 301 19.97 16.92 -6.87
N VAL B 302 19.66 17.73 -7.88
CA VAL B 302 20.58 18.75 -8.36
C VAL B 302 20.27 20.03 -7.59
N ASP B 303 21.06 20.29 -6.54
CA ASP B 303 20.82 21.43 -5.67
C ASP B 303 22.03 22.35 -5.52
N GLY B 304 23.02 22.22 -6.40
CA GLY B 304 24.20 23.06 -6.35
C GLY B 304 25.30 22.61 -5.41
N ASP B 305 25.09 21.57 -4.63
CA ASP B 305 26.10 21.12 -3.71
C ASP B 305 26.86 19.92 -4.25
N PHE B 306 26.36 18.71 -4.06
CA PHE B 306 27.06 17.57 -4.64
C PHE B 306 27.23 17.74 -6.14
N LEU B 307 26.18 18.17 -6.82
CA LEU B 307 26.24 18.53 -8.23
C LEU B 307 25.99 20.02 -8.36
N SER B 308 26.96 20.76 -8.88
CA SER B 308 26.81 22.21 -9.03
C SER B 308 25.91 22.59 -10.19
N ASP B 309 25.63 21.66 -11.09
CA ASP B 309 24.69 21.86 -12.19
C ASP B 309 24.14 20.49 -12.58
N THR B 310 23.28 20.47 -13.60
CA THR B 310 22.79 19.21 -14.09
C THR B 310 23.96 18.38 -14.63
N PRO B 311 23.89 17.05 -14.52
CA PRO B 311 24.95 16.22 -15.12
C PRO B 311 25.22 16.52 -16.58
N GLU B 312 24.19 16.79 -17.40
CA GLU B 312 24.43 17.16 -18.80
C GLU B 312 25.25 18.44 -18.90
N ALA B 313 24.90 19.46 -18.11
CA ALA B 313 25.64 20.71 -18.17
C ALA B 313 27.09 20.50 -17.76
N LEU B 314 27.33 19.69 -16.72
CA LEU B 314 28.69 19.44 -16.27
C LEU B 314 29.47 18.59 -17.28
N ILE B 315 28.80 17.70 -18.00
CA ILE B 315 29.48 16.89 -19.00
C ILE B 315 29.92 17.75 -20.17
N ASN B 316 29.08 18.72 -20.58
CA ASN B 316 29.39 19.52 -21.75
C ASN B 316 30.48 20.54 -21.48
N ALA B 317 30.65 20.96 -20.23
CA ALA B 317 31.63 21.98 -19.88
C ALA B 317 32.90 21.42 -19.27
N GLY B 318 33.03 20.10 -19.21
CA GLY B 318 34.13 19.49 -18.47
C GLY B 318 35.37 19.27 -19.31
N ASP B 319 36.53 19.44 -18.67
CA ASP B 319 37.81 19.02 -19.22
C ASP B 319 38.08 17.61 -18.70
N PHE B 320 38.12 16.63 -19.61
CA PHE B 320 38.27 15.24 -19.22
C PHE B 320 39.56 14.63 -19.73
N HIS B 321 40.54 15.45 -20.11
CA HIS B 321 41.87 14.92 -20.41
C HIS B 321 42.44 14.22 -19.18
N GLY B 322 43.02 13.05 -19.39
CA GLY B 322 43.54 12.25 -18.30
C GLY B 322 42.56 11.27 -17.70
N LEU B 323 41.35 11.17 -18.24
CA LEU B 323 40.35 10.23 -17.76
C LEU B 323 40.24 9.08 -18.77
N GLN B 324 40.21 7.86 -18.26
CA GLN B 324 39.84 6.70 -19.05
C GLN B 324 38.54 6.13 -18.49
N VAL B 325 37.58 5.87 -19.38
CA VAL B 325 36.31 5.28 -18.96
C VAL B 325 35.98 4.11 -19.87
N LEU B 326 35.32 3.11 -19.29
CA LEU B 326 34.78 1.97 -20.01
C LEU B 326 33.26 2.01 -19.84
N VAL B 327 32.53 2.07 -20.96
CA VAL B 327 31.08 2.20 -20.92
C VAL B 327 30.48 1.15 -21.85
N GLY B 328 29.23 0.79 -21.58
CA GLY B 328 28.56 -0.17 -22.43
C GLY B 328 27.14 -0.43 -21.99
N VAL B 329 26.46 -1.23 -22.83
CA VAL B 329 25.05 -1.56 -22.64
C VAL B 329 24.85 -3.03 -23.02
N VAL B 330 23.71 -3.58 -22.63
CA VAL B 330 23.35 -4.91 -23.07
C VAL B 330 22.52 -4.78 -24.35
N LYS B 331 22.32 -5.91 -25.04
CA LYS B 331 21.70 -5.87 -26.37
C LYS B 331 20.25 -5.40 -26.31
N ASP B 332 19.53 -5.68 -25.24
CA ASP B 332 18.10 -5.36 -25.12
C ASP B 332 17.86 -4.69 -23.77
N GLU B 333 18.21 -3.40 -23.69
CA GLU B 333 18.14 -2.69 -22.41
C GLU B 333 16.71 -2.54 -21.91
N GLY B 334 15.75 -2.42 -22.82
CA GLY B 334 14.40 -2.03 -22.43
C GLY B 334 13.44 -3.15 -22.09
N SER B 335 13.72 -4.36 -22.59
CA SER B 335 12.73 -5.44 -22.50
C SER B 335 12.33 -5.74 -21.06
N TYR B 336 13.25 -5.83 -20.14
CA TYR B 336 12.94 -6.15 -18.76
C TYR B 336 12.04 -5.17 -18.07
N PHE B 337 12.22 -3.92 -18.34
CA PHE B 337 11.40 -2.93 -17.65
C PHE B 337 9.95 -2.91 -18.12
N LEU B 338 9.65 -3.54 -19.27
CA LEU B 338 8.30 -3.42 -19.84
C LEU B 338 7.28 -4.24 -19.05
N VAL B 339 7.69 -5.29 -18.36
CA VAL B 339 6.74 -6.15 -17.66
C VAL B 339 6.40 -5.55 -16.30
N TYR B 340 6.75 -4.28 -16.08
CA TYR B 340 6.49 -3.60 -14.83
C TYR B 340 5.56 -2.40 -15.02
N GLY B 341 4.74 -2.41 -16.08
CA GLY B 341 3.80 -1.33 -16.27
C GLY B 341 3.33 -1.10 -17.69
N ALA B 342 4.03 -1.66 -18.67
CA ALA B 342 3.62 -1.49 -20.06
C ALA B 342 2.44 -2.39 -20.37
N PRO B 343 1.34 -1.85 -20.90
CA PRO B 343 0.16 -2.68 -21.15
C PRO B 343 0.42 -3.73 -22.23
N GLY B 344 0.04 -4.97 -21.93
CA GLY B 344 0.17 -6.06 -22.87
C GLY B 344 1.40 -6.94 -22.67
N PHE B 345 2.29 -6.59 -21.75
CA PHE B 345 3.54 -7.31 -21.58
C PHE B 345 3.49 -8.24 -20.38
N SER B 346 4.20 -9.36 -20.50
CA SER B 346 4.35 -10.35 -19.44
C SER B 346 5.49 -11.28 -19.82
N LYS B 347 6.18 -11.79 -18.81
CA LYS B 347 7.26 -12.75 -19.06
C LYS B 347 6.72 -14.10 -19.46
N ASP B 348 5.43 -14.34 -19.23
CA ASP B 348 4.81 -15.61 -19.53
C ASP B 348 4.04 -15.68 -20.87
N ASN B 349 4.12 -14.69 -21.72
CA ASN B 349 3.54 -14.74 -23.05
C ASN B 349 4.51 -13.99 -23.98
N GLU B 350 4.31 -14.04 -25.29
CA GLU B 350 5.12 -13.43 -26.31
C GLU B 350 5.02 -11.93 -26.25
N SER B 351 4.06 -11.39 -25.49
CA SER B 351 3.90 -9.95 -25.35
C SER B 351 3.74 -9.28 -26.71
N LEU B 352 2.95 -9.91 -27.58
CA LEU B 352 2.66 -9.37 -28.91
C LEU B 352 1.54 -8.35 -28.77
N ILE B 353 1.94 -7.09 -28.60
CA ILE B 353 1.01 -6.02 -28.28
C ILE B 353 0.36 -5.47 -29.55
N SER B 354 -0.71 -4.72 -29.38
CA SER B 354 -1.39 -4.04 -30.48
C SER B 354 -0.85 -2.62 -30.61
N ARG B 355 -1.24 -1.97 -31.70
CA ARG B 355 -0.83 -0.59 -31.95
C ARG B 355 -1.30 0.29 -30.80
N ALA B 356 -2.57 0.11 -30.42
CA ALA B 356 -3.12 0.90 -29.31
C ALA B 356 -2.31 0.71 -28.04
N GLU B 357 -1.88 -0.52 -27.76
CA GLU B 357 -1.05 -0.76 -26.60
C GLU B 357 0.34 -0.15 -26.77
N PHE B 358 0.87 -0.18 -27.99
CA PHE B 358 2.15 0.49 -28.26
C PHE B 358 2.05 1.98 -27.98
N LEU B 359 1.01 2.64 -28.50
CA LEU B 359 0.81 4.05 -28.24
C LEU B 359 0.64 4.32 -26.75
N ALA B 360 -0.07 3.44 -26.05
CA ALA B 360 -0.20 3.57 -24.61
C ALA B 360 1.13 3.36 -23.91
N GLY B 361 1.91 2.37 -24.36
CA GLY B 361 3.20 2.13 -23.75
C GLY B 361 4.16 3.29 -23.90
N VAL B 362 4.00 4.08 -24.97
CA VAL B 362 4.89 5.22 -25.18
C VAL B 362 4.68 6.27 -24.10
N ARG B 363 3.45 6.47 -23.65
CA ARG B 363 3.19 7.48 -22.62
C ARG B 363 3.77 7.04 -21.27
N VAL B 364 3.72 5.74 -20.97
CA VAL B 364 4.30 5.29 -19.71
C VAL B 364 5.82 5.14 -19.81
N GLY B 365 6.33 4.81 -21.00
CA GLY B 365 7.77 4.69 -21.17
C GLY B 365 8.49 6.01 -21.31
N VAL B 366 7.80 7.05 -21.77
CA VAL B 366 8.36 8.40 -21.86
C VAL B 366 7.46 9.34 -21.07
N PRO B 367 7.46 9.26 -19.75
CA PRO B 367 6.51 10.05 -18.96
C PRO B 367 6.92 11.51 -18.86
N GLN B 368 5.91 12.35 -18.62
CA GLN B 368 6.09 13.78 -18.35
C GLN B 368 6.62 14.53 -19.57
N VAL B 369 6.15 14.16 -20.76
CA VAL B 369 6.47 14.91 -21.96
C VAL B 369 5.15 15.33 -22.63
N SER B 370 5.24 16.40 -23.40
CA SER B 370 4.05 16.91 -24.09
C SER B 370 3.56 15.90 -25.12
N ASP B 371 2.32 16.10 -25.56
CA ASP B 371 1.76 15.25 -26.62
C ASP B 371 2.61 15.32 -27.88
N LEU B 372 3.12 16.51 -28.20
CA LEU B 372 3.95 16.68 -29.38
C LEU B 372 5.21 15.83 -29.28
N ALA B 373 5.85 15.81 -28.11
CA ALA B 373 7.04 14.98 -27.92
C ALA B 373 6.70 13.50 -28.07
N ALA B 374 5.56 13.07 -27.52
CA ALA B 374 5.14 11.69 -27.67
C ALA B 374 4.89 11.34 -29.14
N GLU B 375 4.29 12.28 -29.88
CA GLU B 375 4.08 12.05 -31.31
C GLU B 375 5.40 11.89 -32.05
N ALA B 376 6.42 12.68 -31.65
CA ALA B 376 7.73 12.55 -32.27
C ALA B 376 8.33 11.17 -32.01
N VAL B 377 8.11 10.64 -30.81
CA VAL B 377 8.59 9.29 -30.50
C VAL B 377 7.89 8.27 -31.40
N VAL B 378 6.56 8.38 -31.49
CA VAL B 378 5.79 7.43 -32.30
C VAL B 378 6.22 7.49 -33.76
N LEU B 379 6.44 8.70 -34.28
CA LEU B 379 6.92 8.84 -35.65
C LEU B 379 8.25 8.13 -35.85
N HIS B 380 9.16 8.22 -34.87
N HIS B 380 9.14 8.23 -34.85
CA HIS B 380 10.49 7.69 -35.09
CA HIS B 380 10.50 7.73 -34.98
C HIS B 380 10.57 6.18 -34.90
C HIS B 380 10.55 6.21 -34.90
N TYR B 381 9.70 5.61 -34.07
CA TYR B 381 9.77 4.18 -33.77
C TYR B 381 8.67 3.38 -34.46
N THR B 382 7.96 3.97 -35.41
CA THR B 382 7.00 3.25 -36.23
C THR B 382 7.65 2.91 -37.57
N ASP B 383 7.53 1.66 -37.99
CA ASP B 383 7.78 1.27 -39.37
C ASP B 383 6.50 1.52 -40.14
N TRP B 384 6.48 2.57 -40.96
CA TRP B 384 5.24 2.98 -41.60
C TRP B 384 4.87 2.09 -42.78
N LEU B 385 5.68 1.08 -43.09
CA LEU B 385 5.25 0.01 -43.97
C LEU B 385 4.62 -1.15 -43.21
N HIS B 386 4.90 -1.27 -41.91
CA HIS B 386 4.29 -2.29 -41.05
C HIS B 386 3.85 -1.66 -39.74
N PRO B 387 2.91 -0.70 -39.78
CA PRO B 387 2.60 0.06 -38.56
C PRO B 387 1.90 -0.75 -37.48
N GLU B 388 1.32 -1.91 -37.81
CA GLU B 388 0.49 -2.64 -36.86
C GLU B 388 1.03 -4.02 -36.52
N ASP B 389 2.23 -4.38 -36.99
CA ASP B 389 2.77 -5.71 -36.76
C ASP B 389 3.05 -5.92 -35.27
N PRO B 390 2.45 -6.93 -34.63
CA PRO B 390 2.67 -7.11 -33.19
C PRO B 390 4.13 -7.30 -32.79
N ALA B 391 4.86 -8.18 -33.47
CA ALA B 391 6.25 -8.44 -33.09
C ALA B 391 7.11 -7.21 -33.27
N ARG B 392 6.86 -6.41 -34.32
CA ARG B 392 7.65 -5.20 -34.53
C ARG B 392 7.35 -4.14 -33.48
N LEU B 393 6.09 -4.04 -33.04
CA LEU B 393 5.73 -3.04 -32.04
C LEU B 393 6.30 -3.41 -30.68
N ARG B 394 6.36 -4.71 -30.36
CA ARG B 394 7.00 -5.14 -29.12
C ARG B 394 8.46 -4.71 -29.09
N GLU B 395 9.19 -4.92 -30.19
CA GLU B 395 10.58 -4.48 -30.26
C GLU B 395 10.69 -2.97 -30.20
N ALA B 396 9.82 -2.28 -30.93
CA ALA B 396 9.91 -0.83 -31.01
C ALA B 396 9.76 -0.21 -29.63
N LEU B 397 8.79 -0.68 -28.85
CA LEU B 397 8.60 -0.15 -27.50
C LEU B 397 9.77 -0.52 -26.60
N SER B 398 10.32 -1.73 -26.76
CA SER B 398 11.53 -2.09 -26.05
C SER B 398 12.68 -1.14 -26.41
N ASP B 399 12.79 -0.79 -27.69
CA ASP B 399 13.82 0.16 -28.11
C ASP B 399 13.55 1.55 -27.55
N VAL B 400 12.28 1.98 -27.53
CA VAL B 400 11.96 3.32 -27.04
C VAL B 400 12.48 3.49 -25.62
N VAL B 401 12.16 2.51 -24.78
CA VAL B 401 12.47 2.53 -23.36
C VAL B 401 13.95 2.34 -23.12
N GLY B 402 14.60 1.46 -23.88
CA GLY B 402 16.02 1.24 -23.72
C GLY B 402 16.85 2.41 -24.23
N ASP B 403 16.45 3.00 -25.36
CA ASP B 403 17.18 4.14 -25.90
C ASP B 403 17.04 5.37 -25.00
N HIS B 404 15.80 5.67 -24.59
CA HIS B 404 15.55 6.87 -23.79
C HIS B 404 16.29 6.82 -22.46
N ASN B 405 16.29 5.66 -21.80
CA ASN B 405 16.77 5.58 -20.43
C ASN B 405 18.22 5.12 -20.31
N VAL B 406 18.74 4.33 -21.24
CA VAL B 406 20.07 3.77 -21.07
C VAL B 406 20.99 4.10 -22.24
N VAL B 407 20.65 3.62 -23.43
CA VAL B 407 21.60 3.62 -24.55
C VAL B 407 22.01 5.05 -24.92
N CYS B 408 21.03 5.91 -25.17
CA CYS B 408 21.36 7.27 -25.60
C CYS B 408 21.97 8.15 -24.52
N PRO B 409 21.55 8.05 -23.25
CA PRO B 409 22.37 8.70 -22.21
C PRO B 409 23.80 8.19 -22.18
N VAL B 410 23.99 6.89 -22.37
CA VAL B 410 25.34 6.34 -22.39
C VAL B 410 26.11 6.84 -23.61
N ALA B 411 25.45 6.89 -24.77
CA ALA B 411 26.13 7.34 -25.98
C ALA B 411 26.48 8.82 -25.89
N GLN B 412 25.62 9.63 -25.27
CA GLN B 412 25.92 11.05 -25.10
C GLN B 412 27.12 11.25 -24.18
N LEU B 413 27.15 10.48 -23.10
CA LEU B 413 28.26 10.54 -22.15
C LEU B 413 29.57 10.13 -22.82
N ALA B 414 29.52 9.08 -23.64
CA ALA B 414 30.72 8.59 -24.32
C ALA B 414 31.22 9.62 -25.34
N GLY B 415 30.31 10.18 -26.14
CA GLY B 415 30.73 11.12 -27.16
C GLY B 415 31.28 12.41 -26.60
N ARG B 416 30.63 12.95 -25.56
CA ARG B 416 31.09 14.21 -24.99
C ARG B 416 32.41 14.03 -24.27
N LEU B 417 32.57 12.97 -23.48
CA LEU B 417 33.83 12.73 -22.79
C LEU B 417 34.96 12.55 -23.80
N ALA B 418 34.73 11.75 -24.85
CA ALA B 418 35.78 11.49 -25.84
C ALA B 418 36.19 12.75 -26.56
N ALA B 419 35.22 13.59 -26.92
CA ALA B 419 35.51 14.85 -27.61
C ALA B 419 36.20 15.86 -26.71
N GLN B 420 36.22 15.64 -25.39
CA GLN B 420 36.75 16.60 -24.45
C GLN B 420 37.90 16.03 -23.64
N GLY B 421 38.62 15.06 -24.21
CA GLY B 421 39.95 14.71 -23.73
C GLY B 421 40.10 13.35 -23.10
N ALA B 422 39.02 12.63 -22.82
CA ALA B 422 39.18 11.34 -22.16
C ALA B 422 39.18 10.22 -23.20
N ARG B 423 39.76 9.08 -22.82
CA ARG B 423 39.80 7.90 -23.66
C ARG B 423 38.66 6.96 -23.26
N VAL B 424 37.73 6.72 -24.20
CA VAL B 424 36.55 5.90 -23.95
C VAL B 424 36.70 4.57 -24.68
N TYR B 425 36.31 3.50 -24.01
CA TYR B 425 36.07 2.21 -24.64
C TYR B 425 34.62 1.85 -24.43
N ALA B 426 33.94 1.46 -25.52
CA ALA B 426 32.51 1.17 -25.50
C ALA B 426 32.26 -0.26 -25.96
N TYR B 427 31.24 -0.88 -25.37
CA TYR B 427 30.90 -2.25 -25.70
C TYR B 427 29.38 -2.40 -25.77
N VAL B 428 28.95 -3.47 -26.43
CA VAL B 428 27.57 -3.94 -26.33
C VAL B 428 27.65 -5.43 -26.00
N PHE B 429 27.00 -5.81 -24.89
CA PHE B 429 27.00 -7.19 -24.42
C PHE B 429 25.88 -7.94 -25.11
N GLU B 430 26.23 -8.96 -25.89
CA GLU B 430 25.27 -9.59 -26.80
C GLU B 430 25.12 -11.09 -26.58
N HIS B 431 25.58 -11.64 -25.46
CA HIS B 431 25.41 -13.06 -25.21
C HIS B 431 24.29 -13.29 -24.20
N ARG B 432 23.33 -14.12 -24.57
CA ARG B 432 22.26 -14.55 -23.68
C ARG B 432 22.71 -15.80 -22.94
N ALA B 433 22.77 -15.72 -21.61
CA ALA B 433 23.25 -16.84 -20.82
C ALA B 433 22.36 -18.07 -21.01
N SER B 434 23.00 -19.24 -21.09
CA SER B 434 22.24 -20.48 -21.18
C SER B 434 21.36 -20.71 -19.97
N THR B 435 21.68 -20.09 -18.84
CA THR B 435 20.93 -20.25 -17.60
C THR B 435 19.82 -19.22 -17.43
N LEU B 436 19.65 -18.31 -18.40
CA LEU B 436 18.69 -17.23 -18.25
C LEU B 436 17.27 -17.76 -18.14
N SER B 437 16.54 -17.27 -17.14
CA SER B 437 15.19 -17.74 -16.87
C SER B 437 14.11 -16.87 -17.51
N TRP B 438 14.45 -15.66 -17.95
CA TRP B 438 13.50 -14.80 -18.63
C TRP B 438 13.17 -15.38 -20.01
N PRO B 439 11.99 -15.06 -20.56
CA PRO B 439 11.63 -15.59 -21.86
C PRO B 439 12.59 -15.13 -22.95
N LEU B 440 12.59 -15.87 -24.06
CA LEU B 440 13.56 -15.61 -25.12
C LEU B 440 13.29 -14.28 -25.81
N TRP B 441 12.03 -13.81 -25.83
CA TRP B 441 11.73 -12.56 -26.52
C TRP B 441 12.39 -11.36 -25.85
N MET B 442 12.84 -11.49 -24.61
CA MET B 442 13.55 -10.41 -23.94
C MET B 442 15.02 -10.30 -24.37
N GLY B 443 15.53 -11.29 -25.10
CA GLY B 443 16.90 -11.19 -25.60
C GLY B 443 17.91 -11.21 -24.47
N VAL B 444 18.86 -10.28 -24.53
CA VAL B 444 19.85 -10.07 -23.47
C VAL B 444 19.36 -8.94 -22.59
N PRO B 445 18.67 -9.22 -21.49
CA PRO B 445 18.02 -8.15 -20.72
C PRO B 445 19.00 -7.38 -19.86
N HIS B 446 18.50 -6.26 -19.34
CA HIS B 446 19.28 -5.39 -18.47
C HIS B 446 19.82 -6.14 -17.27
N GLY B 447 21.12 -5.98 -17.01
CA GLY B 447 21.75 -6.50 -15.82
C GLY B 447 22.38 -7.86 -15.94
N TYR B 448 22.22 -8.55 -17.07
CA TYR B 448 22.67 -9.94 -17.17
C TYR B 448 24.04 -10.06 -17.81
N GLU B 449 24.79 -8.97 -17.87
CA GLU B 449 26.23 -9.05 -18.10
C GLU B 449 27.02 -9.11 -16.80
N ILE B 450 26.41 -8.72 -15.67
CA ILE B 450 27.13 -8.60 -14.41
C ILE B 450 27.72 -9.94 -13.99
N GLU B 451 26.93 -11.00 -14.09
CA GLU B 451 27.38 -12.32 -13.65
C GLU B 451 28.62 -12.77 -14.41
N PHE B 452 28.77 -12.33 -15.65
CA PHE B 452 29.97 -12.70 -16.41
C PHE B 452 31.16 -11.84 -16.01
N ILE B 453 30.93 -10.56 -15.74
CA ILE B 453 32.01 -9.69 -15.27
C ILE B 453 32.56 -10.19 -13.94
N PHE B 454 31.69 -10.67 -13.05
CA PHE B 454 32.12 -11.15 -11.75
C PHE B 454 32.61 -12.60 -11.78
N GLY B 455 32.57 -13.25 -12.94
CA GLY B 455 33.09 -14.61 -13.05
C GLY B 455 32.22 -15.68 -12.44
N ILE B 456 30.95 -15.37 -12.20
CA ILE B 456 29.98 -16.32 -11.63
C ILE B 456 29.93 -17.63 -12.40
N PRO B 457 30.02 -17.65 -13.74
CA PRO B 457 30.04 -18.95 -14.44
C PRO B 457 31.13 -19.90 -13.98
N LEU B 458 32.19 -19.41 -13.33
CA LEU B 458 33.23 -20.30 -12.84
C LEU B 458 32.80 -21.11 -11.62
N ASP B 459 31.70 -20.74 -10.97
CA ASP B 459 31.18 -21.50 -9.83
C ASP B 459 30.76 -22.89 -10.29
N PRO B 460 31.38 -23.95 -9.79
CA PRO B 460 31.04 -25.30 -10.29
C PRO B 460 29.61 -25.72 -9.97
N SER B 461 29.00 -25.17 -8.92
CA SER B 461 27.64 -25.53 -8.57
C SER B 461 26.60 -24.90 -9.49
N ARG B 462 27.01 -24.19 -10.52
CA ARG B 462 26.11 -23.59 -11.50
C ARG B 462 26.29 -24.28 -12.85
N ASN B 463 25.35 -24.01 -13.76
CA ASN B 463 25.18 -24.81 -14.98
C ASN B 463 25.76 -24.15 -16.22
N TYR B 464 26.65 -23.17 -16.08
CA TYR B 464 27.19 -22.51 -17.26
C TYR B 464 28.05 -23.48 -18.06
N THR B 465 28.05 -23.29 -19.38
CA THR B 465 28.78 -24.16 -20.27
C THR B 465 30.28 -23.86 -20.21
N ALA B 466 31.07 -24.74 -20.83
CA ALA B 466 32.52 -24.55 -20.87
C ALA B 466 32.88 -23.29 -21.65
N GLU B 467 32.17 -23.02 -22.74
CA GLU B 467 32.42 -21.81 -23.51
C GLU B 467 32.09 -20.56 -22.69
N GLU B 468 31.03 -20.62 -21.89
CA GLU B 468 30.64 -19.45 -21.10
C GLU B 468 31.67 -19.16 -20.01
N LYS B 469 32.33 -20.18 -19.47
CA LYS B 469 33.38 -19.95 -18.50
C LYS B 469 34.59 -19.28 -19.14
N ILE B 470 34.98 -19.72 -20.34
CA ILE B 470 36.05 -19.05 -21.08
C ILE B 470 35.66 -17.62 -21.37
N PHE B 471 34.40 -17.39 -21.77
CA PHE B 471 33.90 -16.04 -22.03
C PHE B 471 34.00 -15.18 -20.79
N ALA B 472 33.57 -15.71 -19.64
CA ALA B 472 33.67 -14.97 -18.39
C ALA B 472 35.12 -14.61 -18.07
N GLN B 473 36.04 -15.55 -18.30
CA GLN B 473 37.45 -15.26 -18.07
C GLN B 473 37.97 -14.19 -19.01
N ARG B 474 37.43 -14.13 -20.24
CA ARG B 474 37.79 -13.05 -21.16
C ARG B 474 37.33 -11.70 -20.62
N LEU B 475 36.09 -11.63 -20.14
CA LEU B 475 35.56 -10.35 -19.67
C LEU B 475 36.26 -9.88 -18.41
N MET B 476 36.59 -10.81 -17.51
CA MET B 476 37.35 -10.44 -16.32
C MET B 476 38.71 -9.87 -16.69
N ARG B 477 39.33 -10.41 -17.74
CA ARG B 477 40.63 -9.92 -18.17
C ARG B 477 40.52 -8.51 -18.75
N TYR B 478 39.51 -8.26 -19.60
CA TYR B 478 39.30 -6.92 -20.13
C TYR B 478 39.10 -5.91 -19.00
N TRP B 479 38.18 -6.22 -18.07
CA TRP B 479 37.89 -5.30 -16.98
C TRP B 479 39.12 -5.05 -16.11
N ALA B 480 39.90 -6.10 -15.84
CA ALA B 480 41.08 -5.94 -15.01
C ALA B 480 42.20 -5.24 -15.77
N ASN B 481 42.33 -5.52 -17.07
CA ASN B 481 43.28 -4.78 -17.90
C ASN B 481 42.99 -3.28 -17.83
N PHE B 482 41.72 -2.91 -17.94
CA PHE B 482 41.34 -1.51 -17.86
C PHE B 482 41.69 -0.93 -16.49
N ALA B 483 41.41 -1.66 -15.41
CA ALA B 483 41.72 -1.17 -14.08
C ALA B 483 43.22 -0.99 -13.87
N ARG B 484 44.04 -1.85 -14.49
CA ARG B 484 45.47 -1.77 -14.30
C ARG B 484 46.09 -0.65 -15.15
N THR B 485 45.62 -0.47 -16.38
CA THR B 485 46.28 0.41 -17.34
C THR B 485 45.39 1.44 -18.01
N GLY B 486 44.07 1.39 -17.81
CA GLY B 486 43.19 2.23 -18.59
C GLY B 486 42.99 1.78 -20.01
N ASP B 487 43.28 0.51 -20.30
CA ASP B 487 43.19 -0.06 -21.64
C ASP B 487 42.83 -1.54 -21.52
N PRO B 488 41.69 -1.96 -22.07
CA PRO B 488 41.28 -3.37 -21.90
C PRO B 488 42.10 -4.35 -22.74
N ASN B 489 42.82 -3.89 -23.75
CA ASN B 489 43.51 -4.80 -24.66
C ASN B 489 44.74 -5.42 -23.99
N GLU B 490 45.27 -6.45 -24.63
CA GLU B 490 46.55 -7.05 -24.23
C GLU B 490 47.15 -7.84 -25.39
N PRO B 497 42.75 -9.10 -32.56
CA PRO B 497 41.46 -8.42 -32.54
C PRO B 497 41.42 -7.32 -31.48
N GLN B 498 41.78 -6.10 -31.87
CA GLN B 498 41.97 -5.02 -30.91
C GLN B 498 40.68 -4.25 -30.69
N TRP B 499 40.49 -3.82 -29.44
CA TRP B 499 39.34 -3.01 -29.05
C TRP B 499 39.70 -1.55 -29.21
N PRO B 500 39.18 -0.85 -30.22
CA PRO B 500 39.58 0.54 -30.45
C PRO B 500 38.81 1.49 -29.57
N PRO B 501 39.37 2.65 -29.25
CA PRO B 501 38.64 3.63 -28.44
C PRO B 501 37.43 4.20 -29.18
N TYR B 502 36.42 4.58 -28.39
CA TYR B 502 35.24 5.23 -28.92
C TYR B 502 35.52 6.72 -29.13
N THR B 503 35.12 7.24 -30.29
CA THR B 503 35.28 8.66 -30.62
C THR B 503 33.96 9.18 -31.16
N ALA B 504 33.74 10.49 -31.03
CA ALA B 504 32.47 11.06 -31.45
C ALA B 504 32.24 10.89 -32.94
N GLY B 505 33.31 10.85 -33.74
CA GLY B 505 33.18 10.69 -35.17
C GLY B 505 33.05 9.24 -35.60
N ALA B 506 34.06 8.42 -35.29
CA ALA B 506 34.05 7.03 -35.72
C ALA B 506 33.03 6.20 -34.94
N GLN B 507 32.80 6.55 -33.67
CA GLN B 507 31.77 5.92 -32.83
C GLN B 507 31.93 4.41 -32.76
N GLN B 508 33.17 3.95 -32.59
CA GLN B 508 33.48 2.53 -32.62
C GLN B 508 33.28 1.90 -31.25
N TYR B 509 32.70 0.70 -31.26
CA TYR B 509 32.54 -0.13 -30.07
C TYR B 509 32.71 -1.58 -30.49
N VAL B 510 32.75 -2.47 -29.50
CA VAL B 510 32.90 -3.90 -29.77
C VAL B 510 31.67 -4.63 -29.23
N SER B 511 31.36 -5.75 -29.88
CA SER B 511 30.36 -6.67 -29.39
C SER B 511 31.04 -7.74 -28.54
N LEU B 512 30.50 -7.99 -27.36
CA LEU B 512 31.04 -8.99 -26.45
C LEU B 512 30.09 -10.18 -26.43
N ASP B 513 30.55 -11.30 -26.97
CA ASP B 513 29.83 -12.56 -26.91
C ASP B 513 30.86 -13.69 -27.06
N LEU B 514 30.38 -14.90 -27.38
CA LEU B 514 31.28 -16.04 -27.46
C LEU B 514 32.23 -15.95 -28.65
N ARG B 515 31.83 -15.22 -29.69
CA ARG B 515 32.71 -15.00 -30.83
C ARG B 515 33.79 -13.99 -30.49
N PRO B 516 34.89 -13.96 -31.25
CA PRO B 516 35.92 -12.95 -31.03
C PRO B 516 35.36 -11.54 -31.19
N LEU B 517 36.13 -10.56 -30.72
CA LEU B 517 35.70 -9.17 -30.80
C LEU B 517 35.38 -8.78 -32.24
N GLU B 518 34.26 -8.09 -32.41
CA GLU B 518 33.88 -7.51 -33.69
C GLU B 518 33.66 -6.02 -33.47
N VAL B 519 34.28 -5.19 -34.30
CA VAL B 519 34.19 -3.75 -34.19
C VAL B 519 33.02 -3.26 -35.03
N ARG B 520 32.19 -2.40 -34.44
CA ARG B 520 31.05 -1.81 -35.12
C ARG B 520 31.02 -0.31 -34.84
N ARG B 521 30.19 0.41 -35.60
CA ARG B 521 30.09 1.86 -35.51
C ARG B 521 28.69 2.27 -35.10
N GLY B 522 28.62 3.24 -34.19
CA GLY B 522 27.35 3.84 -33.83
C GLY B 522 26.57 3.11 -32.75
N LEU B 523 26.43 3.75 -31.59
CA LEU B 523 25.55 3.25 -30.53
C LEU B 523 24.15 3.77 -30.82
N ARG B 524 23.50 3.14 -31.79
CA ARG B 524 22.19 3.54 -32.28
C ARG B 524 22.15 5.03 -32.59
N ALA B 525 23.04 5.42 -33.52
CA ALA B 525 23.29 6.83 -33.79
C ALA B 525 22.03 7.54 -34.27
N GLN B 526 21.24 6.88 -35.14
CA GLN B 526 20.04 7.51 -35.65
C GLN B 526 19.01 7.74 -34.56
N ALA B 527 18.78 6.73 -33.73
CA ALA B 527 17.81 6.88 -32.65
C ALA B 527 18.29 7.87 -31.60
N CYS B 528 19.58 7.85 -31.29
CA CYS B 528 20.06 8.71 -30.21
C CYS B 528 20.29 10.15 -30.67
N ALA B 529 20.39 10.38 -31.99
CA ALA B 529 20.34 11.76 -32.48
C ALA B 529 19.00 12.40 -32.12
N PHE B 530 17.92 11.63 -32.17
CA PHE B 530 16.61 12.17 -31.80
C PHE B 530 16.55 12.49 -30.31
N TRP B 531 16.86 11.54 -29.44
CA TRP B 531 16.76 11.85 -28.02
C TRP B 531 17.77 12.91 -27.57
N ASN B 532 19.01 12.73 -28.00
CA ASN B 532 20.12 13.61 -27.68
C ASN B 532 20.19 15.04 -28.26
N ARG B 533 19.80 15.17 -29.53
CA ARG B 533 19.93 16.42 -30.27
C ARG B 533 18.61 17.11 -30.51
N PHE B 534 17.59 16.39 -30.97
CA PHE B 534 16.34 17.05 -31.35
C PHE B 534 15.40 17.25 -30.17
N LEU B 535 15.06 16.16 -29.48
CA LEU B 535 14.01 16.25 -28.45
C LEU B 535 14.28 17.30 -27.38
N PRO B 536 15.51 17.55 -26.93
CA PRO B 536 15.71 18.69 -26.02
C PRO B 536 15.26 20.01 -26.60
N LYS B 537 15.56 20.28 -27.86
CA LYS B 537 15.09 21.50 -28.51
C LYS B 537 13.57 21.55 -28.56
N LEU B 538 12.95 20.41 -28.85
CA LEU B 538 11.49 20.33 -28.88
C LEU B 538 10.90 20.70 -27.53
N LEU B 539 11.48 20.16 -26.44
CA LEU B 539 10.93 20.41 -25.12
C LEU B 539 11.15 21.85 -24.67
N SER B 540 12.20 22.50 -25.17
CA SER B 540 12.47 23.88 -24.78
C SER B 540 11.43 24.84 -25.37
N ALA B 541 10.81 24.48 -26.48
CA ALA B 541 9.83 25.35 -27.13
C ALA B 541 8.48 25.28 -26.42
C1 NAG C . -31.67 25.99 21.25
C2 NAG C . -31.20 27.44 21.36
C3 NAG C . -29.72 27.58 21.05
C4 NAG C . -28.93 26.59 21.89
C5 NAG C . -29.46 25.18 21.70
C6 NAG C . -28.69 24.19 22.56
C7 NAG C . -33.19 28.72 20.79
C8 NAG C . -33.38 29.08 22.23
N2 NAG C . -31.98 28.28 20.46
O3 NAG C . -29.29 28.92 21.33
O4 NAG C . -27.54 26.64 21.51
O5 NAG C . -30.84 25.13 22.04
O6 NAG C . -28.95 24.45 23.94
O7 NAG C . -34.08 28.83 19.96
C1 NAG C . -26.75 26.91 22.68
C2 NAG C . -25.27 26.60 22.38
C3 NAG C . -24.39 26.95 23.59
C4 NAG C . -24.67 28.37 24.08
C5 NAG C . -26.16 28.54 24.35
C6 NAG C . -26.53 29.93 24.79
C7 NAG C . -25.24 24.74 20.77
C8 NAG C . -25.04 23.27 20.59
N2 NAG C . -25.10 25.20 22.03
O3 NAG C . -23.02 26.82 23.20
O4 NAG C . -23.94 28.61 25.29
O5 NAG C . -26.88 28.28 23.13
O6 NAG C . -26.34 30.87 23.73
O7 NAG C . -25.51 25.49 19.84
C1 FUC C . -28.77 23.91 25.00
C2 FUC C . -28.59 24.79 26.26
C3 FUC C . -29.74 25.83 26.36
C4 FUC C . -31.10 25.14 26.26
C5 FUC C . -31.15 24.31 24.98
C6 FUC C . -32.43 23.49 24.83
O2 FUC C . -27.33 25.45 26.29
O3 FUC C . -29.68 26.51 27.61
O4 FUC C . -31.29 24.30 27.39
O5 FUC C . -30.06 23.35 24.93
C1 NAG D . -0.18 -11.52 -22.31
C2 NAG D . -1.40 -11.10 -23.12
C3 NAG D . -1.87 -9.71 -22.73
C4 NAG D . -2.05 -9.62 -21.23
C5 NAG D . -0.78 -10.05 -20.52
C6 NAG D . -0.95 -9.99 -19.01
C7 NAG D . -1.14 -12.29 -25.22
C8 NAG D . -2.27 -13.22 -24.87
N2 NAG D . -1.10 -11.15 -24.54
O3 NAG D . -3.11 -9.42 -23.38
O4 NAG D . -2.38 -8.28 -20.86
O5 NAG D . -0.42 -11.39 -20.90
O6 NAG D . -1.90 -10.99 -18.59
O7 NAG D . -0.31 -12.57 -26.07
C1 NAG D . -3.51 -8.31 -19.97
C2 NAG D . -3.73 -6.92 -19.39
C3 NAG D . -4.97 -6.89 -18.48
C4 NAG D . -6.16 -7.47 -19.22
C5 NAG D . -5.82 -8.86 -19.74
C6 NAG D . -7.01 -9.46 -20.49
C7 NAG D . -1.51 -5.97 -19.26
C8 NAG D . -0.25 -5.92 -18.45
N2 NAG D . -2.57 -6.49 -18.64
O3 NAG D . -5.25 -5.53 -18.10
O4 NAG D . -7.29 -7.55 -18.33
O5 NAG D . -4.69 -8.81 -20.60
O6 NAG D . -6.72 -10.82 -20.84
O7 NAG D . -1.55 -5.58 -20.41
C1 FUC D . -1.41 -11.62 -17.40
C2 FUC D . -2.57 -12.28 -16.67
C3 FUC D . -3.06 -13.52 -17.40
C4 FUC D . -1.89 -14.44 -17.68
C5 FUC D . -0.80 -13.69 -18.43
C6 FUC D . 0.39 -14.58 -18.71
O2 FUC D . -3.66 -11.34 -16.53
O3 FUC D . -4.03 -14.21 -16.60
O4 FUC D . -1.37 -14.95 -16.45
O5 FUC D . -0.37 -12.55 -17.66
C1 NAG E . 11.40 -3.11 18.28
C2 NAG E . 12.47 -3.41 17.24
C3 NAG E . 12.48 -4.88 16.86
C4 NAG E . 12.55 -5.75 18.11
C5 NAG E . 11.42 -5.37 19.06
C6 NAG E . 11.47 -6.22 20.32
C7 NAG E . 12.85 -2.83 14.91
C8 NAG E . 12.00 -3.48 13.87
N2 NAG E . 12.26 -2.58 16.07
O3 NAG E . 13.63 -5.16 16.04
O4 NAG E . 12.44 -7.13 17.75
O5 NAG E . 11.51 -3.99 19.41
O6 NAG E . 10.31 -5.95 21.13
O7 NAG E . 14.02 -2.55 14.71
P1 VX F . -23.81 4.49 11.87
O1 VX F . -23.07 3.43 12.66
O2 VX F . -24.62 5.49 12.88
C1 VX F . -22.57 5.49 10.90
C2 VX F . -24.65 5.19 14.25
C3 VX F . -25.77 5.99 14.90
P1 VX G . 19.12 0.71 -12.77
O1 VX G . 19.32 0.73 -11.27
O2 VX G . 18.39 -0.71 -13.21
C1 VX G . 18.05 2.13 -13.28
C2 VX G . 17.86 -1.52 -12.21
C3 VX G . 16.59 -0.87 -11.65
#